data_5HOF
#
_entry.id   5HOF
#
_cell.length_a   70.459
_cell.length_b   87.786
_cell.length_c   129.908
_cell.angle_alpha   90.00
_cell.angle_beta   90.00
_cell.angle_gamma   90.00
#
_symmetry.space_group_name_H-M   'P 21 21 21'
#
loop_
_entity.id
_entity.type
_entity.pdbx_description
1 polymer 'Extracellular arabinanase'
2 branched alpha-L-arabinofuranose-(1-5)-alpha-L-arabinofuranose-(1-5)-alpha-L-arabinofuranose-(1-5)-alpha-L-arabinofuranose-(1-5)-alpha-L-arabinofuranose
3 non-polymer 'CALCIUM ION'
4 non-polymer 2-AMINO-2-HYDROXYMETHYL-PROPANE-1,3-DIOL
5 non-polymer DI(HYDROXYETHYL)ETHER
6 non-polymer 'ACETATE ION'
7 water water
#
_entity_poly.entity_id   1
_entity_poly.type   'polypeptide(L)'
_entity_poly.pdbx_seq_one_letter_code
;MKRRSLKGIALFLLIVAVCLSSATLGRGEEKHTGENVRQNQKVKDPQFTNVSVHDPSIVKDGDTYYIFGSHIEAAKSKDL
MNWEKFTNGYTTPNNKLYGDLSKNLAGSFKWAGENDADSKGGFAVWAPDVFWNKDYVNEDGTKGAYMIYYSVSSTYIRSA
IGYAVSKHIEGPYKYVDTIVYSGFTKEEAYDANSKINKKWTNTNIPKLIEQGKLKGVRADWFHNDGSYNNRDFPNAIDPN
LFYDEKGNLWMAYGSWSGGIFVLPMDKTTGKPIYPGKDGKTPDGRLVDRYFGIKIAGGYYQSGEGTYIVYDKNTDYYYLY
VTYGWLGADGGYNMRQFRSTSPTGPYVDAKGQSAVLPGEVDNSPYGNKIMGNFLFERKVGDPGTGIGVGYVSPGHNSVYL
DRKTGQQFLVFHTRFPQSGEYHEVRVHQMFMNKNGWPVVAPYRYAGEKLEKVNKQDVVGEYQLINHGKDYSADIKKQIFV
RLNRNNTISGDATGTWRKIGHNQAEITIDGETYDGVFVRQWDPTSKRYVMAFTALSNEGVSIWGSKLADKTDEEIVEDVA
SDLDLGDTDHVVSNLHLPTEGTRHTVISWTTSDAKVVSETGVVHRPEVGSAPVTATLTATITKGDATATKVFHITVLPYE
EAKLTAHYSFDNNDLSDSTGNFGPGTITGNRIDNEGGTIAYADGKIGKAAVLNGQSGIRLPDGLVSSNQYSVSLWVKPEQ
LTTHTTTFFGAKDPNHWISLVPQGWDGNTMLWSGSSPWYDGRTFWKIPTGQWTHLAFSVDNGAVKVYINGVEKFSGTNFP
DVFTGANASFALGVNWWDPPFKGLIDELRIYEGALTPSQVTDLAQTSE
;
_entity_poly.pdbx_strand_id   A
#
# COMPACT_ATOMS: atom_id res chain seq x y z
N LYS A 44 -5.45 20.39 -20.57
CA LYS A 44 -4.63 19.14 -20.46
C LYS A 44 -3.46 19.19 -21.44
N ASP A 45 -2.69 20.26 -21.47
CA ASP A 45 -1.53 20.28 -22.34
C ASP A 45 -0.67 19.07 -22.06
N PRO A 46 -0.17 18.92 -20.82
CA PRO A 46 0.78 17.83 -20.59
C PRO A 46 0.14 16.47 -20.72
N GLN A 47 0.95 15.44 -20.90
CA GLN A 47 0.44 14.13 -21.25
C GLN A 47 1.37 13.06 -20.68
N PHE A 48 0.78 12.09 -19.95
CA PHE A 48 1.51 11.07 -19.20
C PHE A 48 1.26 9.65 -19.65
N THR A 49 2.26 8.81 -19.46
CA THR A 49 2.13 7.44 -19.85
C THR A 49 2.86 6.65 -18.79
N ASN A 50 2.11 5.82 -18.05
CA ASN A 50 2.56 5.26 -16.81
C ASN A 50 3.06 3.86 -16.92
N VAL A 51 3.80 3.42 -15.92
CA VAL A 51 4.21 2.05 -15.81
C VAL A 51 4.29 1.60 -14.34
N SER A 52 4.37 0.29 -14.15
CA SER A 52 4.59 -0.27 -12.84
C SER A 52 6.05 -0.77 -12.86
N VAL A 53 6.89 -0.09 -12.10
CA VAL A 53 8.25 -0.51 -11.86
C VAL A 53 8.46 -0.22 -10.39
N HIS A 54 8.80 -1.25 -9.66
CA HIS A 54 8.79 -1.13 -8.24
C HIS A 54 10.26 -1.01 -7.79
N ASP A 55 10.53 0.02 -7.00
CA ASP A 55 11.87 0.34 -6.48
C ASP A 55 12.78 0.83 -7.60
N PRO A 56 12.40 1.93 -8.25
CA PRO A 56 13.06 2.30 -9.49
C PRO A 56 14.36 3.05 -9.34
N SER A 57 15.37 2.58 -10.06
CA SER A 57 16.64 3.26 -10.16
C SER A 57 16.80 3.92 -11.52
N ILE A 58 16.67 5.23 -11.48
CA ILE A 58 16.83 6.09 -12.63
C ILE A 58 18.28 6.10 -13.11
N VAL A 59 18.44 6.22 -14.42
CA VAL A 59 19.76 6.23 -15.06
C VAL A 59 19.58 6.73 -16.48
N LYS A 60 20.57 7.46 -16.99
CA LYS A 60 20.40 8.10 -18.28
C LYS A 60 21.45 7.70 -19.30
N ASP A 61 21.02 7.04 -20.37
CA ASP A 61 21.91 6.63 -21.44
C ASP A 61 21.57 7.52 -22.64
N GLY A 62 22.59 8.16 -23.20
CA GLY A 62 22.42 9.18 -24.23
C GLY A 62 21.44 10.21 -23.72
N ASP A 63 20.43 10.53 -24.53
CA ASP A 63 19.31 11.36 -24.10
C ASP A 63 18.10 10.47 -23.81
N THR A 64 18.29 9.34 -23.15
CA THR A 64 17.13 8.53 -22.76
C THR A 64 17.17 8.26 -21.26
N TYR A 65 16.01 8.36 -20.64
CA TYR A 65 15.88 7.96 -19.26
C TYR A 65 15.47 6.49 -19.17
N TYR A 66 15.90 5.87 -18.09
CA TYR A 66 15.75 4.44 -17.92
C TYR A 66 15.50 4.15 -16.48
N ILE A 67 14.51 3.31 -16.19
CA ILE A 67 14.34 2.90 -14.81
C ILE A 67 14.31 1.40 -14.69
N PHE A 68 15.13 0.88 -13.79
CA PHE A 68 15.24 -0.55 -13.55
C PHE A 68 14.66 -0.82 -12.19
N GLY A 69 13.73 -1.77 -12.10
CA GLY A 69 13.05 -2.08 -10.83
C GLY A 69 13.19 -3.51 -10.34
N SER A 70 12.51 -3.85 -9.25
CA SER A 70 12.44 -5.23 -8.82
C SER A 70 11.61 -6.04 -9.78
N HIS A 71 11.80 -7.33 -9.70
CA HIS A 71 11.09 -8.31 -10.55
C HIS A 71 11.40 -8.12 -12.02
N ILE A 72 12.61 -7.59 -12.26
CA ILE A 72 13.19 -7.52 -13.60
C ILE A 72 12.22 -6.75 -14.52
N GLU A 73 11.75 -5.61 -14.00
CA GLU A 73 10.97 -4.68 -14.80
C GLU A 73 11.86 -3.47 -15.11
N ALA A 74 11.64 -2.93 -16.31
CA ALA A 74 12.36 -1.74 -16.77
C ALA A 74 11.60 -1.00 -17.85
N ALA A 75 11.74 0.31 -17.84
CA ALA A 75 11.05 1.17 -18.75
C ALA A 75 11.91 2.38 -19.10
N LYS A 76 11.50 3.11 -20.14
CA LYS A 76 12.27 4.25 -20.61
C LYS A 76 11.46 5.42 -21.11
N SER A 77 12.14 6.56 -21.20
CA SER A 77 11.48 7.82 -21.49
C SER A 77 12.41 8.86 -22.04
N LYS A 78 11.89 9.71 -22.92
CA LYS A 78 12.60 10.90 -23.37
C LYS A 78 12.30 12.11 -22.49
N ASP A 79 11.25 12.05 -21.69
CA ASP A 79 10.68 13.27 -21.17
C ASP A 79 10.40 13.20 -19.68
N LEU A 80 10.73 12.07 -19.04
CA LEU A 80 10.32 11.76 -17.67
C LEU A 80 8.81 11.82 -17.45
N MET A 81 8.05 11.58 -18.51
CA MET A 81 6.63 11.77 -18.45
C MET A 81 5.90 10.63 -19.07
N ASN A 82 6.29 10.29 -20.28
CA ASN A 82 5.74 9.13 -20.92
C ASN A 82 6.79 8.02 -20.89
N TRP A 83 6.41 6.93 -20.19
CA TRP A 83 7.24 5.77 -19.97
C TRP A 83 6.81 4.62 -20.81
N GLU A 84 7.77 3.77 -21.16
CA GLU A 84 7.52 2.63 -22.01
C GLU A 84 8.34 1.43 -21.53
N LYS A 85 7.64 0.35 -21.16
CA LYS A 85 8.27 -0.81 -20.54
C LYS A 85 8.83 -1.65 -21.64
N PHE A 86 10.05 -2.18 -21.43
CA PHE A 86 10.70 -3.04 -22.45
C PHE A 86 11.19 -4.40 -21.92
N THR A 87 10.94 -4.67 -20.64
CA THR A 87 11.20 -6.00 -20.09
C THR A 87 10.10 -7.01 -20.37
N ASN A 88 10.36 -8.24 -19.94
CA ASN A 88 9.36 -9.30 -19.81
C ASN A 88 9.42 -9.92 -18.42
N GLY A 89 9.62 -9.09 -17.40
CA GLY A 89 9.46 -9.55 -16.02
C GLY A 89 10.37 -10.72 -15.69
N TYR A 90 9.79 -11.78 -15.08
CA TYR A 90 10.51 -13.00 -14.68
C TYR A 90 10.56 -14.12 -15.74
N THR A 91 10.00 -13.87 -16.93
CA THR A 91 10.08 -14.80 -18.04
C THR A 91 11.47 -15.29 -18.22
N THR A 92 11.66 -16.58 -18.42
CA THR A 92 13.00 -17.17 -18.62
C THR A 92 12.85 -18.54 -19.30
N PRO A 93 13.74 -18.85 -20.22
CA PRO A 93 14.82 -18.00 -20.68
C PRO A 93 14.28 -17.01 -21.68
N ASN A 94 15.19 -16.26 -22.27
CA ASN A 94 14.82 -15.17 -23.09
C ASN A 94 14.26 -14.03 -22.26
N ASN A 95 14.35 -14.15 -20.94
CA ASN A 95 14.41 -12.97 -20.11
C ASN A 95 15.26 -11.86 -20.77
N LYS A 96 14.72 -10.66 -20.82
CA LYS A 96 15.39 -9.56 -21.49
C LYS A 96 16.70 -9.15 -20.84
N LEU A 97 16.69 -8.92 -19.54
CA LEU A 97 17.85 -8.41 -18.87
C LEU A 97 18.93 -9.46 -18.66
N TYR A 98 18.52 -10.75 -18.61
CA TYR A 98 19.45 -11.87 -18.25
C TYR A 98 19.60 -13.06 -19.20
N GLY A 99 18.68 -13.22 -20.16
CA GLY A 99 18.65 -14.42 -20.97
C GLY A 99 18.12 -15.60 -20.19
N ASP A 100 19.01 -16.53 -19.84
CA ASP A 100 18.66 -17.67 -18.98
C ASP A 100 18.92 -17.25 -17.52
N LEU A 101 17.91 -16.65 -16.95
CA LEU A 101 17.95 -16.17 -15.60
C LEU A 101 18.60 -17.17 -14.67
N SER A 102 18.27 -18.44 -14.86
CA SER A 102 18.67 -19.42 -13.87
C SER A 102 20.12 -19.87 -13.94
N LYS A 103 20.64 -20.11 -15.14
CA LYS A 103 22.05 -20.43 -15.34
C LYS A 103 22.87 -19.16 -15.21
N ASN A 104 22.41 -18.08 -15.82
CA ASN A 104 23.17 -16.85 -15.78
C ASN A 104 23.44 -16.46 -14.33
N LEU A 105 22.40 -16.40 -13.50
CA LEU A 105 22.59 -15.92 -12.13
C LEU A 105 22.72 -17.01 -11.06
N ALA A 106 22.96 -18.24 -11.48
CA ALA A 106 23.12 -19.38 -10.56
C ALA A 106 24.10 -19.10 -9.44
N GLY A 107 25.13 -18.30 -9.70
CA GLY A 107 26.05 -17.85 -8.65
C GLY A 107 25.33 -17.47 -7.36
N SER A 108 24.28 -16.68 -7.47
CA SER A 108 23.60 -16.17 -6.31
C SER A 108 22.37 -16.96 -5.88
N PHE A 109 21.72 -17.65 -6.81
CA PHE A 109 20.52 -18.42 -6.48
C PHE A 109 20.80 -19.62 -5.60
N LYS A 110 22.04 -20.12 -5.68
CA LYS A 110 22.67 -21.00 -4.69
C LYS A 110 22.47 -20.59 -3.24
N TRP A 111 22.29 -19.28 -3.01
CA TRP A 111 22.14 -18.74 -1.69
C TRP A 111 20.75 -18.21 -1.49
N ALA A 112 20.10 -17.58 -2.45
CA ALA A 112 18.67 -17.19 -2.32
C ALA A 112 18.08 -16.71 -3.61
N GLY A 113 16.76 -16.53 -3.61
CA GLY A 113 16.09 -15.93 -4.77
C GLY A 113 15.66 -16.88 -5.88
N GLU A 114 15.85 -18.18 -5.71
CA GLU A 114 15.28 -19.12 -6.66
C GLU A 114 14.69 -20.34 -5.98
N ASN A 115 13.39 -20.44 -6.13
CA ASN A 115 12.62 -21.59 -5.71
C ASN A 115 12.99 -22.03 -4.31
N ASP A 116 13.06 -21.08 -3.39
CA ASP A 116 13.55 -21.38 -2.09
C ASP A 116 12.90 -20.52 -1.01
N ALA A 117 12.54 -21.16 0.11
CA ALA A 117 11.78 -20.56 1.24
C ALA A 117 10.73 -19.62 0.71
N ASP A 118 10.85 -18.33 0.98
CA ASP A 118 9.87 -17.38 0.48
C ASP A 118 9.93 -17.18 -1.02
N SER A 119 10.91 -17.73 -1.72
CA SER A 119 10.98 -17.52 -3.16
C SER A 119 10.49 -18.79 -3.83
N LYS A 120 9.80 -19.62 -3.05
CA LYS A 120 9.47 -20.96 -3.53
C LYS A 120 8.34 -20.94 -4.54
N GLY A 121 8.62 -21.48 -5.73
CA GLY A 121 7.71 -21.44 -6.85
C GLY A 121 8.01 -20.28 -7.78
N GLY A 122 8.99 -19.44 -7.45
CA GLY A 122 9.47 -18.37 -8.37
C GLY A 122 10.85 -17.79 -8.08
N PHE A 123 11.02 -16.48 -8.25
CA PHE A 123 12.31 -15.84 -8.05
C PHE A 123 12.13 -14.56 -7.28
N ALA A 124 13.18 -14.16 -6.55
CA ALA A 124 13.23 -12.87 -5.89
C ALA A 124 14.43 -12.05 -6.34
N VAL A 125 14.32 -11.37 -7.48
CA VAL A 125 15.40 -10.50 -7.92
C VAL A 125 14.92 -9.09 -7.73
N TRP A 126 15.47 -8.43 -6.72
CA TRP A 126 14.92 -7.19 -6.17
C TRP A 126 15.80 -5.91 -6.32
N ALA A 127 15.12 -4.78 -6.37
CA ALA A 127 15.75 -3.51 -6.09
C ALA A 127 17.14 -3.32 -6.70
N PRO A 128 17.21 -3.23 -8.02
CA PRO A 128 18.53 -3.14 -8.58
C PRO A 128 18.92 -1.71 -8.69
N ASP A 129 20.18 -1.52 -9.05
CA ASP A 129 20.76 -0.22 -9.34
C ASP A 129 21.63 -0.40 -10.58
N VAL A 130 21.56 0.58 -11.47
CA VAL A 130 22.33 0.58 -12.70
C VAL A 130 23.14 1.84 -12.86
N PHE A 131 24.32 1.70 -13.45
CA PHE A 131 25.09 2.88 -13.80
C PHE A 131 26.18 2.46 -14.74
N TRP A 132 26.54 3.40 -15.60
CA TRP A 132 27.64 3.23 -16.51
C TRP A 132 28.90 3.39 -15.71
N ASN A 133 29.72 2.33 -15.65
CA ASN A 133 31.08 2.41 -15.12
C ASN A 133 32.12 2.38 -16.27
N LYS A 134 32.72 3.55 -16.53
CA LYS A 134 33.66 3.70 -17.63
C LYS A 134 34.97 3.00 -17.35
N ASP A 135 35.34 2.90 -16.07
CA ASP A 135 36.63 2.28 -15.67
C ASP A 135 36.64 0.76 -15.59
N TYR A 136 35.47 0.13 -15.74
CA TYR A 136 35.37 -1.30 -15.57
C TYR A 136 36.01 -2.07 -16.73
N VAL A 137 36.80 -3.09 -16.42
CA VAL A 137 37.39 -3.94 -17.46
C VAL A 137 36.58 -5.21 -17.72
N ASN A 138 36.10 -5.31 -18.95
CA ASN A 138 35.29 -6.40 -19.40
C ASN A 138 36.16 -7.60 -19.63
N GLU A 139 35.51 -8.69 -20.00
CA GLU A 139 36.22 -9.92 -20.02
C GLU A 139 36.87 -10.20 -21.36
N ASP A 140 36.67 -9.30 -22.30
CA ASP A 140 37.53 -9.20 -23.48
C ASP A 140 38.54 -8.04 -23.31
N GLY A 141 38.71 -7.57 -22.07
CA GLY A 141 39.70 -6.55 -21.78
C GLY A 141 39.44 -5.14 -22.25
N THR A 142 38.26 -4.87 -22.80
CA THR A 142 37.92 -3.50 -23.20
C THR A 142 37.40 -2.77 -21.98
N LYS A 143 37.17 -1.48 -22.11
CA LYS A 143 36.78 -0.66 -20.95
C LYS A 143 35.42 -0.04 -21.09
N GLY A 144 34.67 0.01 -20.01
CA GLY A 144 33.38 0.65 -20.04
C GLY A 144 32.27 -0.37 -20.04
N ALA A 145 31.35 -0.24 -19.09
CA ALA A 145 30.24 -1.17 -18.96
C ALA A 145 29.15 -0.67 -18.02
N TYR A 146 27.92 -0.94 -18.42
CA TYR A 146 26.76 -0.74 -17.55
C TYR A 146 26.75 -1.86 -16.55
N MET A 147 26.66 -1.51 -15.29
CA MET A 147 26.71 -2.49 -14.24
C MET A 147 25.38 -2.51 -13.60
N ILE A 148 24.93 -3.70 -13.25
CA ILE A 148 23.69 -3.82 -12.51
C ILE A 148 23.93 -4.62 -11.24
N TYR A 149 23.71 -3.95 -10.12
CA TYR A 149 23.69 -4.60 -8.84
C TYR A 149 22.27 -4.95 -8.44
N TYR A 150 22.05 -6.19 -7.98
CA TYR A 150 20.69 -6.68 -7.63
C TYR A 150 20.66 -7.37 -6.27
N SER A 151 19.44 -7.59 -5.76
CA SER A 151 19.25 -8.34 -4.52
C SER A 151 18.55 -9.64 -4.84
N VAL A 152 19.04 -10.69 -4.22
CA VAL A 152 18.30 -11.91 -4.13
C VAL A 152 18.08 -12.16 -2.66
N SER A 153 16.88 -12.59 -2.35
CA SER A 153 16.46 -12.72 -0.96
C SER A 153 15.56 -13.93 -0.93
N SER A 154 15.64 -14.73 0.13
CA SER A 154 14.64 -15.80 0.36
C SER A 154 13.94 -15.75 1.71
N THR A 155 14.36 -14.87 2.59
CA THR A 155 13.58 -14.57 3.79
C THR A 155 13.81 -13.14 4.16
N TYR A 156 13.18 -12.72 5.24
CA TYR A 156 13.39 -11.36 5.76
C TYR A 156 14.85 -11.01 6.05
N ILE A 157 15.71 -12.02 6.07
CA ILE A 157 17.12 -11.83 6.42
C ILE A 157 18.15 -12.58 5.53
N ARG A 158 17.82 -13.74 4.98
CA ARG A 158 18.77 -14.44 4.10
C ARG A 158 18.72 -13.84 2.69
N SER A 159 19.70 -13.00 2.40
CA SER A 159 19.78 -12.39 1.10
C SER A 159 21.23 -12.24 0.69
N ALA A 160 21.43 -11.83 -0.55
CA ALA A 160 22.75 -11.39 -0.96
C ALA A 160 22.64 -10.39 -2.09
N ILE A 161 23.74 -9.68 -2.34
CA ILE A 161 23.85 -8.74 -3.45
C ILE A 161 24.84 -9.31 -4.45
N GLY A 162 24.48 -9.23 -5.74
CA GLY A 162 25.39 -9.60 -6.84
C GLY A 162 25.36 -8.57 -7.96
N TYR A 163 26.13 -8.80 -9.01
CA TYR A 163 26.05 -7.85 -10.08
C TYR A 163 26.42 -8.47 -11.38
N ALA A 164 25.88 -7.89 -12.43
CA ALA A 164 26.11 -8.39 -13.74
C ALA A 164 26.42 -7.20 -14.63
N VAL A 165 27.06 -7.45 -15.76
CA VAL A 165 27.44 -6.36 -16.66
C VAL A 165 27.02 -6.56 -18.09
N SER A 166 26.65 -5.46 -18.72
CA SER A 166 26.44 -5.42 -20.14
C SER A 166 27.16 -4.19 -20.63
N LYS A 167 27.41 -4.17 -21.93
CA LYS A 167 27.99 -3.00 -22.58
C LYS A 167 26.87 -2.08 -23.02
N HIS A 168 25.67 -2.65 -23.10
CA HIS A 168 24.55 -1.91 -23.59
C HIS A 168 23.44 -1.93 -22.53
N ILE A 169 23.04 -0.73 -22.12
CA ILE A 169 22.02 -0.49 -21.10
C ILE A 169 20.78 -1.41 -21.15
N GLU A 170 20.32 -1.78 -22.35
CA GLU A 170 19.10 -2.59 -22.50
C GLU A 170 19.36 -4.09 -22.41
N GLY A 171 20.63 -4.48 -22.52
CA GLY A 171 21.03 -5.81 -22.14
C GLY A 171 21.79 -6.59 -23.19
N PRO A 172 21.95 -7.88 -22.95
CA PRO A 172 21.60 -8.47 -21.65
C PRO A 172 22.82 -8.43 -20.75
N TYR A 173 22.53 -8.47 -19.46
CA TYR A 173 23.56 -8.40 -18.45
C TYR A 173 24.07 -9.78 -18.04
N LYS A 174 25.33 -9.87 -17.65
CA LYS A 174 25.92 -11.18 -17.40
C LYS A 174 26.58 -11.26 -16.06
N TYR A 175 26.24 -12.30 -15.31
CA TYR A 175 26.76 -12.53 -13.99
C TYR A 175 28.25 -12.31 -13.92
N VAL A 176 28.67 -11.74 -12.79
CA VAL A 176 30.09 -11.54 -12.47
C VAL A 176 30.45 -12.09 -11.10
N ASP A 177 29.70 -11.72 -10.05
CA ASP A 177 30.00 -12.21 -8.69
C ASP A 177 28.92 -11.83 -7.73
N THR A 178 28.81 -12.64 -6.69
CA THR A 178 27.91 -12.44 -5.55
C THR A 178 28.78 -12.09 -4.33
N ILE A 179 28.50 -10.99 -3.65
CA ILE A 179 29.53 -10.23 -2.89
C ILE A 179 29.24 -9.74 -1.47
N VAL A 180 27.95 -9.59 -1.13
CA VAL A 180 27.57 -9.41 0.25
C VAL A 180 26.40 -10.31 0.65
N TYR A 181 26.55 -11.00 1.77
CA TYR A 181 25.55 -11.98 2.14
C TYR A 181 24.99 -11.61 3.47
N SER A 182 23.77 -12.05 3.75
CA SER A 182 23.21 -11.91 5.07
C SER A 182 22.43 -13.15 5.42
N GLY A 183 22.13 -13.30 6.71
CA GLY A 183 21.25 -14.36 7.20
C GLY A 183 21.90 -15.71 7.43
N PHE A 184 23.22 -15.76 7.22
CA PHE A 184 24.06 -16.98 7.39
C PHE A 184 24.27 -17.28 8.86
N THR A 185 24.45 -18.57 9.19
CA THR A 185 24.45 -18.99 10.59
C THR A 185 25.81 -19.42 11.03
N LYS A 186 25.93 -19.74 12.30
CA LYS A 186 27.17 -20.22 12.88
C LYS A 186 27.44 -21.67 12.48
N GLU A 187 26.38 -22.46 12.43
CA GLU A 187 26.48 -23.90 12.21
CA GLU A 187 26.47 -23.90 12.22
C GLU A 187 25.41 -24.33 11.22
N GLU A 188 25.49 -25.57 10.76
CA GLU A 188 24.56 -26.13 9.80
C GLU A 188 23.16 -25.71 10.17
N ALA A 189 22.48 -24.97 9.30
CA ALA A 189 21.11 -24.53 9.56
C ALA A 189 20.35 -24.48 8.26
N TYR A 190 19.04 -24.74 8.33
CA TYR A 190 18.16 -24.64 7.20
C TYR A 190 16.89 -23.91 7.56
N ASP A 191 16.29 -23.28 6.55
CA ASP A 191 15.04 -22.52 6.70
C ASP A 191 13.97 -23.47 6.23
N ALA A 192 12.74 -23.23 6.68
CA ALA A 192 11.57 -23.88 6.13
C ALA A 192 11.64 -23.83 4.59
N ASN A 193 11.17 -24.87 3.93
CA ASN A 193 11.15 -24.98 2.46
C ASN A 193 12.43 -24.62 1.70
N SER A 194 13.53 -24.99 2.35
CA SER A 194 14.89 -24.79 1.86
C SER A 194 15.78 -25.95 2.30
N LYS A 195 16.69 -26.37 1.45
CA LYS A 195 17.75 -27.26 1.90
C LYS A 195 19.13 -26.65 1.57
N ILE A 196 19.21 -25.33 1.74
CA ILE A 196 20.45 -24.56 1.65
C ILE A 196 21.06 -24.47 3.05
N ASN A 197 22.16 -25.17 3.25
CA ASN A 197 22.93 -25.00 4.46
C ASN A 197 23.20 -23.52 4.63
N LYS A 198 22.60 -22.92 5.66
CA LYS A 198 22.77 -21.48 5.90
C LYS A 198 24.11 -21.16 6.51
N LYS A 199 24.86 -22.19 6.88
CA LYS A 199 26.12 -21.98 7.57
C LYS A 199 27.00 -21.00 6.82
N TRP A 200 27.77 -20.24 7.58
CA TRP A 200 28.53 -19.14 7.02
C TRP A 200 29.57 -19.58 6.03
N THR A 201 29.81 -20.88 5.90
CA THR A 201 30.88 -21.40 5.02
C THR A 201 30.40 -21.55 3.59
N ASN A 202 29.10 -21.39 3.39
CA ASN A 202 28.54 -21.35 2.08
C ASN A 202 28.72 -19.99 1.41
N THR A 203 28.96 -18.95 2.21
CA THR A 203 29.21 -17.60 1.70
C THR A 203 30.63 -17.45 1.08
N ASN A 204 30.90 -16.33 0.41
CA ASN A 204 32.25 -16.02 -0.03
C ASN A 204 33.26 -15.76 1.08
N ILE A 205 32.79 -15.66 2.31
CA ILE A 205 33.67 -15.29 3.42
C ILE A 205 34.91 -16.21 3.56
N PRO A 206 34.71 -17.55 3.55
CA PRO A 206 35.86 -18.47 3.44
C PRO A 206 36.99 -17.97 2.53
N LYS A 207 36.64 -17.61 1.32
CA LYS A 207 37.60 -17.24 0.31
C LYS A 207 38.21 -15.84 0.60
N LEU A 208 37.41 -14.99 1.25
CA LEU A 208 37.86 -13.66 1.62
C LEU A 208 38.90 -13.76 2.70
N ILE A 209 38.66 -14.65 3.64
CA ILE A 209 39.65 -14.97 4.66
C ILE A 209 40.87 -15.64 4.02
N GLU A 210 40.62 -16.55 3.08
CA GLU A 210 41.69 -17.23 2.34
C GLU A 210 42.64 -16.21 1.75
N GLN A 211 42.10 -15.08 1.28
CA GLN A 211 42.91 -14.03 0.63
C GLN A 211 43.44 -12.99 1.58
N GLY A 212 43.16 -13.16 2.88
CA GLY A 212 43.55 -12.17 3.88
C GLY A 212 42.76 -10.87 3.82
N LYS A 213 41.65 -10.87 3.07
CA LYS A 213 40.81 -9.69 2.93
C LYS A 213 40.11 -9.49 4.25
N LEU A 214 40.11 -10.56 5.05
CA LEU A 214 39.60 -10.61 6.43
C LEU A 214 40.49 -11.51 7.25
N LYS A 215 40.61 -11.17 8.54
CA LYS A 215 41.44 -11.93 9.45
C LYS A 215 40.69 -13.14 9.98
N GLY A 216 39.38 -13.19 9.78
CA GLY A 216 38.58 -14.33 10.22
C GLY A 216 37.17 -13.88 10.58
N VAL A 217 36.40 -14.80 11.15
CA VAL A 217 34.98 -14.57 11.41
C VAL A 217 34.75 -13.74 12.68
N ARG A 218 33.76 -12.85 12.65
CA ARG A 218 33.39 -12.06 13.81
C ARG A 218 32.23 -12.73 14.56
N ALA A 219 32.45 -12.82 15.87
CA ALA A 219 31.58 -13.56 16.74
C ALA A 219 30.25 -12.81 16.94
N ASP A 220 30.30 -11.49 16.79
CA ASP A 220 29.12 -10.65 16.88
C ASP A 220 28.08 -10.91 15.82
N TRP A 221 28.49 -11.46 14.67
CA TRP A 221 27.53 -11.73 13.60
C TRP A 221 26.48 -12.74 14.06
N PHE A 222 26.86 -13.60 15.02
CA PHE A 222 25.94 -14.63 15.47
C PHE A 222 25.43 -14.34 16.86
N HIS A 223 24.18 -14.70 17.09
CA HIS A 223 23.66 -14.70 18.43
C HIS A 223 24.27 -15.92 19.13
N ASN A 224 23.65 -16.33 20.24
CA ASN A 224 24.10 -17.48 20.98
C ASN A 224 23.61 -18.78 20.38
N ASP A 225 22.33 -18.88 20.06
CA ASP A 225 21.90 -20.08 19.35
C ASP A 225 22.68 -20.20 18.03
N GLY A 226 23.27 -19.08 17.56
CA GLY A 226 24.15 -19.07 16.36
C GLY A 226 23.43 -18.52 15.12
N SER A 227 22.20 -18.04 15.33
CA SER A 227 21.42 -17.40 14.30
C SER A 227 22.08 -16.06 13.95
N TYR A 228 21.64 -15.45 12.84
CA TYR A 228 22.27 -14.22 12.34
C TYR A 228 21.87 -13.01 13.24
N ASN A 229 22.83 -12.13 13.53
CA ASN A 229 22.59 -10.97 14.39
C ASN A 229 22.09 -9.79 13.60
N ASN A 230 20.88 -9.93 13.09
CA ASN A 230 20.22 -8.89 12.33
C ASN A 230 19.69 -7.74 13.22
N ARG A 231 20.12 -7.67 14.46
CA ARG A 231 19.86 -6.49 15.29
CA ARG A 231 19.87 -6.49 15.28
C ARG A 231 20.92 -5.42 14.92
N ASP A 232 22.17 -5.81 14.82
CA ASP A 232 23.21 -4.86 14.50
C ASP A 232 23.74 -4.97 13.07
N PHE A 233 23.42 -6.07 12.39
CA PHE A 233 23.93 -6.28 11.06
C PHE A 233 22.82 -6.33 10.04
N PRO A 234 23.14 -5.99 8.79
CA PRO A 234 22.10 -5.71 7.83
C PRO A 234 21.50 -6.90 7.12
N ASN A 235 20.26 -6.75 6.65
CA ASN A 235 19.77 -7.58 5.55
C ASN A 235 20.46 -6.99 4.31
N ALA A 236 21.02 -7.85 3.49
CA ALA A 236 21.92 -7.38 2.51
C ALA A 236 21.20 -7.29 1.19
N ILE A 237 20.35 -6.28 1.08
CA ILE A 237 19.60 -6.00 -0.15
C ILE A 237 19.64 -4.48 -0.44
N ASP A 238 19.02 -4.06 -1.55
CA ASP A 238 18.81 -2.63 -1.88
C ASP A 238 20.09 -1.85 -2.09
N PRO A 239 20.92 -2.32 -3.01
CA PRO A 239 22.18 -1.67 -3.35
C PRO A 239 22.01 -0.28 -3.97
N ASN A 240 22.89 0.64 -3.61
CA ASN A 240 22.98 1.93 -4.25
C ASN A 240 24.45 2.21 -4.51
N LEU A 241 24.80 2.53 -5.76
CA LEU A 241 26.20 2.82 -6.14
C LEU A 241 26.37 4.26 -6.52
N PHE A 242 27.30 4.92 -5.88
CA PHE A 242 27.50 6.32 -6.12
C PHE A 242 28.98 6.70 -6.10
N TYR A 243 29.28 7.77 -6.84
CA TYR A 243 30.61 8.37 -6.89
C TYR A 243 30.72 9.52 -5.91
N ASP A 244 31.91 9.87 -5.45
CA ASP A 244 32.03 10.97 -4.49
C ASP A 244 32.68 12.18 -5.11
N GLU A 245 33.10 13.12 -4.26
CA GLU A 245 33.74 14.37 -4.71
C GLU A 245 34.84 14.18 -5.76
N LYS A 246 35.66 13.15 -5.57
CA LYS A 246 36.77 12.85 -6.48
C LYS A 246 36.45 11.76 -7.49
N GLY A 247 35.18 11.37 -7.60
CA GLY A 247 34.84 10.20 -8.41
C GLY A 247 35.43 8.88 -7.91
N ASN A 248 35.49 8.72 -6.60
CA ASN A 248 35.62 7.39 -6.02
C ASN A 248 34.25 6.80 -5.92
N LEU A 249 34.19 5.48 -5.91
CA LEU A 249 32.90 4.74 -5.93
C LEU A 249 32.50 4.02 -4.65
N TRP A 250 31.23 4.15 -4.27
CA TRP A 250 30.71 3.49 -3.04
C TRP A 250 29.42 2.73 -3.26
N MET A 251 29.24 1.68 -2.48
CA MET A 251 27.97 0.97 -2.44
C MET A 251 27.38 1.13 -1.06
N ALA A 252 26.15 1.64 -1.04
CA ALA A 252 25.33 1.66 0.15
C ALA A 252 24.23 0.61 -0.05
N TYR A 253 23.83 -0.01 1.05
CA TYR A 253 22.91 -1.10 0.94
C TYR A 253 22.30 -1.32 2.32
N GLY A 254 21.32 -2.24 2.42
CA GLY A 254 20.68 -2.59 3.68
C GLY A 254 19.21 -2.29 3.60
N SER A 255 18.44 -2.98 4.46
CA SER A 255 16.96 -2.87 4.59
C SER A 255 16.43 -3.44 5.92
N TRP A 256 16.00 -2.56 6.82
CA TRP A 256 15.50 -3.01 8.11
C TRP A 256 16.66 -3.70 8.86
N SER A 257 16.38 -4.62 9.80
CA SER A 257 17.45 -5.36 10.45
C SER A 257 18.47 -4.31 10.96
N GLY A 258 19.77 -4.62 10.96
CA GLY A 258 20.76 -3.75 11.52
C GLY A 258 20.94 -2.43 10.82
N GLY A 259 20.36 -2.26 9.64
CA GLY A 259 20.32 -0.96 8.97
C GLY A 259 21.26 -0.82 7.77
N ILE A 260 21.58 0.42 7.43
CA ILE A 260 22.33 0.72 6.19
C ILE A 260 23.84 0.72 6.41
N PHE A 261 24.57 0.03 5.55
CA PHE A 261 25.99 0.18 5.55
C PHE A 261 26.45 0.67 4.20
N VAL A 262 27.69 1.11 4.21
CA VAL A 262 28.33 1.58 3.02
C VAL A 262 29.74 1.00 2.93
N LEU A 263 30.13 0.68 1.68
CA LEU A 263 31.38 0.04 1.31
C LEU A 263 32.04 0.71 0.13
N PRO A 264 33.35 0.92 0.22
CA PRO A 264 34.05 1.48 -0.94
C PRO A 264 34.12 0.40 -1.98
N MET A 265 34.08 0.75 -3.26
CA MET A 265 34.09 -0.24 -4.30
C MET A 265 35.28 -0.08 -5.21
N ASP A 266 35.85 -1.20 -5.66
CA ASP A 266 36.89 -1.16 -6.65
C ASP A 266 36.31 -0.74 -7.99
N LYS A 267 36.82 0.33 -8.53
CA LYS A 267 36.28 0.89 -9.76
C LYS A 267 36.55 0.00 -10.99
N THR A 268 37.48 -0.94 -10.86
CA THR A 268 37.96 -1.72 -12.00
C THR A 268 37.25 -3.07 -12.12
N THR A 269 37.03 -3.74 -10.99
CA THR A 269 36.35 -5.05 -10.96
C THR A 269 34.95 -5.00 -10.33
N GLY A 270 34.57 -3.84 -9.77
CA GLY A 270 33.29 -3.69 -9.10
C GLY A 270 33.16 -4.43 -7.78
N LYS A 271 34.27 -4.82 -7.17
CA LYS A 271 34.25 -5.57 -5.91
C LYS A 271 34.42 -4.64 -4.74
N PRO A 272 33.84 -4.99 -3.59
CA PRO A 272 34.01 -4.12 -2.44
C PRO A 272 35.42 -4.20 -1.95
N ILE A 273 35.96 -3.06 -1.53
CA ILE A 273 37.22 -3.00 -0.83
C ILE A 273 36.89 -3.10 0.65
N TYR A 274 36.71 -4.34 1.11
CA TYR A 274 36.19 -4.63 2.45
C TYR A 274 37.13 -4.05 3.49
N PRO A 275 36.56 -3.48 4.57
CA PRO A 275 37.34 -2.79 5.60
C PRO A 275 38.47 -3.63 6.19
N GLY A 276 38.19 -4.88 6.60
CA GLY A 276 39.23 -5.78 7.15
C GLY A 276 39.27 -5.88 8.67
N LYS A 277 38.74 -4.86 9.33
CA LYS A 277 38.80 -4.72 10.76
C LYS A 277 37.49 -4.11 11.24
N ASP A 278 37.10 -4.47 12.46
CA ASP A 278 36.01 -3.79 13.13
C ASP A 278 36.56 -2.50 13.76
N GLY A 279 35.64 -1.61 14.14
CA GLY A 279 35.94 -0.45 14.96
C GLY A 279 34.70 0.41 15.22
N LYS A 280 34.93 1.69 15.53
CA LYS A 280 33.89 2.71 15.39
C LYS A 280 34.47 3.92 14.64
N THR A 281 33.57 4.70 14.03
CA THR A 281 33.90 5.98 13.43
C THR A 281 33.97 6.93 14.59
N PRO A 282 34.59 8.12 14.38
CA PRO A 282 34.70 9.13 15.46
C PRO A 282 33.43 9.45 16.28
N ASP A 283 32.26 9.26 15.70
CA ASP A 283 31.01 9.58 16.38
C ASP A 283 30.31 8.32 16.89
N GLY A 284 31.04 7.20 16.88
CA GLY A 284 30.60 5.99 17.57
C GLY A 284 29.82 5.04 16.71
N ARG A 285 29.64 5.38 15.44
CA ARG A 285 28.92 4.51 14.52
C ARG A 285 29.75 3.28 14.20
N LEU A 286 29.05 2.17 14.00
CA LEU A 286 29.69 0.86 13.78
C LEU A 286 30.43 0.72 12.45
N VAL A 287 31.68 0.22 12.54
CA VAL A 287 32.46 -0.25 11.38
C VAL A 287 32.65 -1.75 11.50
N ASP A 288 32.40 -2.48 10.41
CA ASP A 288 32.52 -3.95 10.42
C ASP A 288 33.35 -4.48 9.27
N ARG A 289 34.37 -5.25 9.63
CA ARG A 289 35.38 -5.83 8.72
C ARG A 289 34.86 -6.21 7.31
N TYR A 290 33.59 -6.62 7.26
CA TYR A 290 32.91 -7.15 6.05
C TYR A 290 31.75 -6.24 5.55
N PHE A 291 30.84 -5.90 6.45
CA PHE A 291 29.63 -5.15 6.08
C PHE A 291 29.89 -3.69 5.82
N GLY A 292 30.95 -3.12 6.39
CA GLY A 292 31.27 -1.73 6.11
C GLY A 292 30.93 -0.84 7.29
N ILE A 293 30.61 0.41 6.99
CA ILE A 293 30.34 1.40 8.03
C ILE A 293 28.87 1.70 8.14
N LYS A 294 28.25 1.40 9.27
CA LYS A 294 26.83 1.72 9.45
C LYS A 294 26.57 3.23 9.29
N ILE A 295 25.68 3.61 8.37
CA ILE A 295 25.39 5.03 8.12
C ILE A 295 23.95 5.44 8.40
N ALA A 296 23.02 4.48 8.50
CA ALA A 296 21.66 4.79 8.99
C ALA A 296 20.96 3.60 9.63
N GLY A 297 19.96 3.89 10.45
CA GLY A 297 19.00 2.87 10.96
C GLY A 297 19.48 2.12 12.17
N GLY A 298 18.94 0.93 12.36
CA GLY A 298 19.39 0.03 13.44
C GLY A 298 18.30 -0.78 14.14
N TYR A 299 18.73 -1.68 15.02
CA TYR A 299 17.86 -2.35 15.97
C TYR A 299 16.50 -2.74 15.39
N TYR A 300 16.56 -3.46 14.27
CA TYR A 300 15.38 -4.02 13.57
C TYR A 300 14.44 -2.98 13.01
N GLN A 301 14.82 -1.70 13.07
CA GLN A 301 13.86 -0.67 12.73
C GLN A 301 13.82 -0.58 11.20
N SER A 302 12.74 -0.03 10.67
CA SER A 302 12.57 0.20 9.22
C SER A 302 13.52 1.20 8.63
N GLY A 303 13.63 1.16 7.31
CA GLY A 303 14.55 2.02 6.57
C GLY A 303 15.24 1.15 5.58
N GLU A 304 14.99 1.41 4.30
CA GLU A 304 15.61 0.71 3.16
C GLU A 304 15.58 1.59 1.92
N GLY A 305 16.07 1.11 0.78
CA GLY A 305 15.94 1.86 -0.48
C GLY A 305 16.84 3.07 -0.54
N THR A 306 18.05 2.84 -0.06
CA THR A 306 18.99 3.88 0.11
C THR A 306 19.42 4.43 -1.23
N TYR A 307 19.54 5.76 -1.26
CA TYR A 307 20.09 6.43 -2.40
C TYR A 307 20.82 7.59 -1.90
N ILE A 308 22.08 7.70 -2.29
CA ILE A 308 22.93 8.80 -1.87
C ILE A 308 23.44 9.54 -3.07
N VAL A 309 23.47 10.88 -2.95
CA VAL A 309 23.83 11.76 -4.05
C VAL A 309 24.78 12.85 -3.62
N TYR A 310 25.93 12.95 -4.28
CA TYR A 310 26.85 14.07 -4.06
C TYR A 310 26.42 15.24 -4.88
N ASP A 311 26.20 16.35 -4.18
CA ASP A 311 26.01 17.62 -4.85
C ASP A 311 27.18 18.56 -4.67
N LYS A 312 27.78 18.95 -5.79
CA LYS A 312 28.94 19.83 -5.73
C LYS A 312 28.53 21.26 -5.53
N ASN A 313 27.46 21.67 -6.19
CA ASN A 313 27.02 23.06 -6.05
CA ASN A 313 26.89 23.02 -6.02
C ASN A 313 26.88 23.45 -4.55
N THR A 314 26.73 22.46 -3.65
CA THR A 314 26.70 22.69 -2.17
C THR A 314 27.74 21.88 -1.40
N ASP A 315 28.30 20.85 -2.04
CA ASP A 315 29.27 19.96 -1.41
C ASP A 315 28.66 19.04 -0.33
N TYR A 316 27.39 18.67 -0.46
CA TYR A 316 26.83 17.76 0.52
C TYR A 316 26.64 16.41 -0.06
N TYR A 317 26.65 15.41 0.79
CA TYR A 317 26.22 14.09 0.40
C TYR A 317 24.79 14.01 0.92
N TYR A 318 23.84 13.91 0.01
CA TYR A 318 22.44 13.79 0.40
C TYR A 318 22.06 12.34 0.42
N LEU A 319 21.51 11.91 1.56
CA LEU A 319 21.13 10.53 1.73
C LEU A 319 19.65 10.44 1.84
N TYR A 320 19.07 9.61 0.98
CA TYR A 320 17.65 9.35 0.99
C TYR A 320 17.43 7.94 1.44
N VAL A 321 16.44 7.74 2.28
CA VAL A 321 16.06 6.41 2.69
C VAL A 321 14.55 6.42 2.95
N THR A 322 13.90 5.27 2.73
CA THR A 322 12.43 5.15 2.86
C THR A 322 11.99 4.35 4.11
N TYR A 323 11.20 4.98 4.98
CA TYR A 323 10.79 4.31 6.20
C TYR A 323 9.48 3.51 6.00
N GLY A 324 9.14 2.70 7.01
CA GLY A 324 7.91 1.94 7.03
C GLY A 324 7.77 0.83 6.02
N TRP A 325 6.63 0.16 6.08
CA TRP A 325 6.30 -0.97 5.22
C TRP A 325 5.74 -0.46 3.88
N LEU A 326 6.01 -1.22 2.84
CA LEU A 326 5.76 -0.79 1.50
C LEU A 326 4.33 -0.85 1.06
N GLY A 327 3.51 -1.68 1.70
CA GLY A 327 2.12 -1.91 1.28
C GLY A 327 1.17 -0.79 1.68
N ALA A 328 -0.03 -0.77 1.11
CA ALA A 328 -0.97 0.34 1.33
C ALA A 328 -1.13 0.75 2.81
N ASP A 329 -1.28 -0.26 3.68
CA ASP A 329 -1.36 -0.07 5.16
C ASP A 329 -0.03 0.19 5.87
N GLY A 330 1.11 0.25 5.16
CA GLY A 330 2.42 0.36 5.83
C GLY A 330 2.99 1.75 6.00
N GLY A 331 2.40 2.76 5.38
CA GLY A 331 2.94 4.11 5.57
C GLY A 331 4.36 4.33 5.06
N TYR A 332 4.68 3.74 3.93
CA TYR A 332 5.96 4.00 3.26
C TYR A 332 6.13 5.49 3.10
N ASN A 333 7.25 6.01 3.60
CA ASN A 333 7.54 7.41 3.41
C ASN A 333 9.01 7.60 3.28
N MET A 334 9.36 8.59 2.45
CA MET A 334 10.74 8.94 2.13
C MET A 334 11.35 9.87 3.17
N ARG A 335 12.62 9.66 3.50
CA ARG A 335 13.38 10.53 4.40
C ARG A 335 14.66 11.11 3.80
N GLN A 336 15.13 12.23 4.32
CA GLN A 336 16.39 12.78 3.81
C GLN A 336 17.30 13.31 4.97
N PHE A 337 18.59 13.00 4.84
CA PHE A 337 19.65 13.59 5.62
C PHE A 337 20.72 14.08 4.68
N ARG A 338 21.81 14.57 5.28
CA ARG A 338 22.98 14.99 4.54
C ARG A 338 24.23 14.85 5.38
N SER A 339 25.34 14.53 4.72
CA SER A 339 26.66 14.47 5.33
C SER A 339 27.65 15.22 4.45
N THR A 340 28.70 15.78 5.04
CA THR A 340 29.81 16.36 4.26
C THR A 340 30.79 15.32 3.76
N SER A 341 30.70 14.13 4.32
CA SER A 341 31.60 13.04 3.99
C SER A 341 30.69 11.89 3.57
N PRO A 342 31.09 11.17 2.51
CA PRO A 342 30.28 10.09 1.97
C PRO A 342 30.05 9.00 2.99
N THR A 343 30.89 8.99 3.97
CA THR A 343 30.99 7.89 4.89
C THR A 343 30.17 8.29 6.15
N GLY A 344 29.59 9.49 6.11
CA GLY A 344 28.84 10.08 7.22
C GLY A 344 29.72 10.99 8.06
N PRO A 345 29.23 11.41 9.23
CA PRO A 345 27.90 11.17 9.79
C PRO A 345 26.83 11.91 9.04
N TYR A 346 25.70 11.25 8.88
CA TYR A 346 24.54 11.78 8.19
C TYR A 346 23.46 12.24 9.20
N VAL A 347 23.00 13.46 9.02
CA VAL A 347 22.09 14.05 9.97
C VAL A 347 21.01 14.80 9.25
N ASP A 348 19.97 15.14 10.03
CA ASP A 348 18.82 15.85 9.47
C ASP A 348 18.83 17.36 9.76
N ALA A 349 17.74 18.00 9.37
CA ALA A 349 17.62 19.43 9.56
C ALA A 349 17.85 19.79 11.00
N LYS A 350 17.49 18.94 11.96
CA LYS A 350 17.81 19.22 13.39
C LYS A 350 19.17 18.65 13.84
N GLY A 351 19.99 18.22 12.89
CA GLY A 351 21.28 17.61 13.21
C GLY A 351 21.21 16.28 13.93
N GLN A 352 20.10 15.55 13.78
CA GLN A 352 19.96 14.22 14.38
C GLN A 352 20.54 13.14 13.49
N SER A 353 21.15 12.14 14.11
CA SER A 353 21.82 11.07 13.40
C SER A 353 20.80 10.17 12.69
N ALA A 354 21.12 9.80 11.46
CA ALA A 354 20.40 8.75 10.74
C ALA A 354 20.47 7.41 11.46
N VAL A 355 21.59 7.14 12.13
CA VAL A 355 21.79 5.92 12.92
C VAL A 355 21.05 6.01 14.26
N LEU A 356 20.17 5.04 14.51
CA LEU A 356 19.32 5.07 15.67
C LEU A 356 20.06 4.65 16.91
N PRO A 357 19.80 5.35 18.04
CA PRO A 357 20.42 5.13 19.39
C PRO A 357 20.06 3.78 20.06
N GLY A 358 18.84 3.31 19.84
CA GLY A 358 18.44 2.00 20.29
C GLY A 358 17.31 1.56 19.41
N GLU A 359 16.50 0.65 19.95
CA GLU A 359 15.34 0.07 19.24
C GLU A 359 14.14 1.00 19.36
N VAL A 360 14.24 2.17 18.73
CA VAL A 360 13.26 3.24 18.94
C VAL A 360 12.40 3.63 17.74
N ASP A 361 11.23 4.22 18.02
CA ASP A 361 10.45 4.83 17.01
C ASP A 361 11.37 5.72 16.24
N ASN A 362 11.50 5.41 14.94
CA ASN A 362 12.33 6.20 14.04
C ASN A 362 11.63 7.43 13.45
N SER A 363 10.36 7.65 13.81
CA SER A 363 9.56 8.77 13.31
C SER A 363 10.26 10.11 13.30
N PRO A 364 10.95 10.43 14.39
CA PRO A 364 11.53 11.78 14.42
C PRO A 364 12.88 11.89 13.80
N TYR A 365 13.29 10.98 12.93
CA TYR A 365 14.65 11.02 12.42
C TYR A 365 14.56 11.12 10.92
N GLY A 366 15.34 12.06 10.37
CA GLY A 366 15.29 12.42 8.95
C GLY A 366 14.21 13.45 8.61
N ASN A 367 14.35 14.04 7.44
CA ASN A 367 13.36 14.98 6.99
C ASN A 367 12.29 14.18 6.28
N LYS A 368 11.05 14.26 6.74
CA LYS A 368 9.96 13.49 6.11
C LYS A 368 9.55 14.26 4.89
N ILE A 369 10.18 14.00 3.76
CA ILE A 369 9.95 14.82 2.59
C ILE A 369 8.70 14.46 1.80
N MET A 370 8.22 13.23 1.97
CA MET A 370 6.93 12.81 1.38
C MET A 370 6.38 11.53 2.04
N GLY A 371 5.07 11.50 2.26
CA GLY A 371 4.33 10.32 2.79
C GLY A 371 2.91 10.29 2.25
N ASN A 372 1.94 9.75 2.99
CA ASN A 372 0.55 9.73 2.49
C ASN A 372 -0.04 11.15 2.49
N PHE A 373 -0.67 11.55 1.39
CA PHE A 373 -1.30 12.89 1.29
C PHE A 373 -2.46 12.79 0.35
N LEU A 374 -3.40 13.73 0.42
CA LEU A 374 -4.48 13.86 -0.57
C LEU A 374 -5.04 15.29 -0.60
N PHE A 375 -4.86 15.97 -1.73
CA PHE A 375 -5.58 17.19 -2.00
C PHE A 375 -6.99 16.77 -2.32
N GLU A 376 -7.75 16.58 -1.24
CA GLU A 376 -9.08 16.02 -1.31
C GLU A 376 -10.08 16.96 -2.01
N ARG A 377 -10.75 16.45 -3.03
CA ARG A 377 -11.86 17.15 -3.64
C ARG A 377 -12.99 17.08 -2.65
N LYS A 378 -13.47 18.26 -2.26
CA LYS A 378 -14.75 18.43 -1.55
C LYS A 378 -15.80 18.76 -2.57
N VAL A 379 -17.06 18.75 -2.17
CA VAL A 379 -18.14 19.06 -3.08
C VAL A 379 -17.90 20.41 -3.73
N GLY A 380 -17.97 20.42 -5.05
CA GLY A 380 -17.97 21.68 -5.78
C GLY A 380 -16.61 22.22 -6.12
N ASP A 381 -15.57 21.46 -5.75
CA ASP A 381 -14.24 21.65 -6.32
C ASP A 381 -14.27 21.24 -7.77
N PRO A 382 -13.47 21.89 -8.61
CA PRO A 382 -13.49 21.46 -10.01
C PRO A 382 -12.73 20.17 -10.15
N GLY A 383 -12.78 19.57 -11.34
CA GLY A 383 -12.35 18.20 -11.56
C GLY A 383 -13.42 17.23 -11.06
N THR A 384 -13.03 15.97 -10.94
CA THR A 384 -13.95 14.93 -10.54
C THR A 384 -13.25 13.83 -9.72
N GLY A 385 -14.01 13.07 -8.93
CA GLY A 385 -13.44 12.02 -8.09
C GLY A 385 -12.78 12.55 -6.81
N ILE A 386 -11.96 11.72 -6.16
CA ILE A 386 -11.41 12.08 -4.83
C ILE A 386 -10.32 13.13 -4.75
N GLY A 387 -9.57 13.35 -5.82
CA GLY A 387 -8.46 14.30 -5.82
C GLY A 387 -7.15 13.54 -6.00
N VAL A 388 -6.06 14.26 -6.29
CA VAL A 388 -4.75 13.62 -6.41
C VAL A 388 -4.06 13.51 -5.06
N GLY A 389 -3.59 12.30 -4.78
CA GLY A 389 -2.88 11.96 -3.56
C GLY A 389 -2.11 10.66 -3.78
N TYR A 390 -1.15 10.39 -2.89
CA TYR A 390 -0.43 9.10 -2.89
C TYR A 390 -0.63 8.33 -1.59
N VAL A 391 -0.37 7.03 -1.70
CA VAL A 391 -0.27 6.11 -0.58
C VAL A 391 1.02 5.25 -0.59
N SER A 392 1.79 5.36 0.47
CA SER A 392 2.99 4.56 0.63
C SER A 392 4.00 4.83 -0.50
N PRO A 393 4.23 6.12 -0.86
CA PRO A 393 5.21 6.51 -1.87
C PRO A 393 6.59 6.31 -1.36
N GLY A 394 7.46 5.63 -2.11
CA GLY A 394 8.78 5.35 -1.59
C GLY A 394 9.66 4.48 -2.46
N HIS A 395 10.79 4.07 -1.86
CA HIS A 395 11.94 3.53 -2.59
C HIS A 395 12.40 4.46 -3.70
N ASN A 396 13.01 5.56 -3.33
CA ASN A 396 13.36 6.51 -4.34
C ASN A 396 14.73 6.27 -4.95
N SER A 397 14.92 6.85 -6.12
CA SER A 397 16.22 7.15 -6.65
C SER A 397 16.21 8.63 -7.01
N VAL A 398 17.34 9.14 -7.47
CA VAL A 398 17.42 10.56 -7.84
C VAL A 398 18.34 10.78 -9.02
N TYR A 399 17.93 11.65 -9.93
CA TYR A 399 18.79 12.08 -11.05
C TYR A 399 19.17 13.58 -10.94
N LEU A 400 20.45 13.86 -11.11
CA LEU A 400 20.98 15.19 -10.90
C LEU A 400 21.67 15.66 -12.19
N ASP A 401 20.92 16.35 -13.07
CA ASP A 401 21.45 16.79 -14.40
C ASP A 401 22.64 17.72 -14.27
N ARG A 402 23.80 17.22 -14.68
CA ARG A 402 25.09 17.77 -14.29
C ARG A 402 25.28 19.24 -14.74
N LYS A 403 24.80 19.57 -15.94
CA LYS A 403 24.90 20.91 -16.50
C LYS A 403 23.98 21.98 -15.85
N THR A 404 22.75 21.59 -15.48
CA THR A 404 21.67 22.55 -15.15
C THR A 404 21.28 22.64 -13.66
N GLY A 405 21.78 21.69 -12.88
CA GLY A 405 21.47 21.63 -11.45
C GLY A 405 20.11 21.02 -11.19
N GLN A 406 19.36 20.76 -12.28
CA GLN A 406 18.04 20.20 -12.16
C GLN A 406 18.13 18.83 -11.54
N GLN A 407 17.13 18.55 -10.72
CA GLN A 407 17.09 17.38 -9.89
C GLN A 407 15.71 16.72 -9.94
N PHE A 408 15.67 15.38 -9.88
CA PHE A 408 14.39 14.63 -9.87
C PHE A 408 14.34 13.40 -8.93
N LEU A 409 13.25 13.34 -8.16
CA LEU A 409 12.96 12.26 -7.27
C LEU A 409 12.14 11.28 -8.06
N VAL A 410 12.59 10.05 -8.14
CA VAL A 410 11.88 9.01 -8.88
C VAL A 410 11.53 7.84 -7.98
N PHE A 411 10.26 7.46 -7.96
CA PHE A 411 9.85 6.48 -6.99
C PHE A 411 8.56 5.82 -7.41
N HIS A 412 8.14 4.81 -6.68
CA HIS A 412 6.80 4.29 -6.90
C HIS A 412 5.90 4.74 -5.77
N THR A 413 4.60 4.80 -6.05
CA THR A 413 3.60 4.89 -4.98
C THR A 413 2.35 4.06 -5.28
N ARG A 414 1.73 3.57 -4.22
CA ARG A 414 0.34 3.15 -4.36
C ARG A 414 -0.54 4.40 -4.29
N PHE A 415 -1.86 4.21 -4.42
CA PHE A 415 -2.86 5.29 -4.44
C PHE A 415 -4.05 4.94 -3.53
N PRO A 416 -4.83 5.95 -3.11
CA PRO A 416 -6.05 5.75 -2.34
C PRO A 416 -7.11 4.98 -3.12
N GLN A 417 -7.70 3.98 -2.46
CA GLN A 417 -8.73 3.12 -3.07
C GLN A 417 -8.28 2.38 -4.38
N SER A 418 -6.99 2.06 -4.43
CA SER A 418 -6.41 1.28 -5.52
C SER A 418 -5.71 0.03 -5.00
N GLY A 419 -5.55 -0.09 -3.67
CA GLY A 419 -5.05 -1.31 -3.04
C GLY A 419 -3.55 -1.27 -3.17
N GLU A 420 -2.94 -2.35 -3.70
CA GLU A 420 -1.48 -2.44 -3.97
C GLU A 420 -1.07 -2.06 -5.42
N TYR A 421 -2.00 -1.47 -6.17
CA TYR A 421 -1.66 -1.11 -7.55
C TYR A 421 -0.66 0.01 -7.49
N HIS A 422 0.42 -0.10 -8.26
CA HIS A 422 1.53 0.90 -8.20
C HIS A 422 2.03 1.36 -9.55
N GLU A 423 2.29 2.65 -9.62
CA GLU A 423 2.89 3.27 -10.78
C GLU A 423 4.12 4.02 -10.32
N VAL A 424 4.92 4.43 -11.27
CA VAL A 424 6.08 5.25 -11.03
C VAL A 424 5.65 6.70 -11.04
N ARG A 425 6.29 7.52 -10.21
CA ARG A 425 6.11 8.97 -10.24
C ARG A 425 7.43 9.69 -10.20
N VAL A 426 7.44 10.87 -10.79
CA VAL A 426 8.61 11.75 -10.80
C VAL A 426 8.32 13.14 -10.23
N HIS A 427 8.92 13.55 -9.13
CA HIS A 427 8.77 14.94 -8.67
C HIS A 427 10.06 15.68 -8.78
N GLN A 428 10.02 16.84 -9.40
CA GLN A 428 11.17 17.72 -9.39
C GLN A 428 11.61 18.06 -7.94
N MET A 429 12.86 18.51 -7.78
CA MET A 429 13.41 18.95 -6.50
CA MET A 429 13.38 18.98 -6.49
C MET A 429 14.26 20.19 -6.73
N PHE A 430 14.30 21.09 -5.76
CA PHE A 430 15.03 22.33 -5.94
C PHE A 430 15.74 22.68 -4.69
N MET A 431 16.99 23.10 -4.86
CA MET A 431 17.86 23.37 -3.71
C MET A 431 17.41 24.61 -2.97
N ASN A 432 16.90 24.43 -1.78
CA ASN A 432 16.47 25.57 -1.02
C ASN A 432 17.71 26.27 -0.50
N LYS A 433 17.49 27.30 0.28
CA LYS A 433 18.54 28.25 0.59
C LYS A 433 19.39 27.81 1.75
N ASN A 434 19.07 26.63 2.28
CA ASN A 434 19.79 26.06 3.39
C ASN A 434 20.50 24.81 2.99
N GLY A 435 20.65 24.64 1.68
CA GLY A 435 21.27 23.43 1.16
C GLY A 435 20.46 22.14 1.25
N TRP A 436 19.13 22.26 1.34
CA TRP A 436 18.23 21.11 1.32
C TRP A 436 17.37 21.15 0.06
N PRO A 437 17.45 20.12 -0.80
CA PRO A 437 16.54 20.07 -1.93
C PRO A 437 15.14 19.97 -1.43
N VAL A 438 14.24 20.76 -1.95
CA VAL A 438 12.87 20.60 -1.53
C VAL A 438 12.01 20.06 -2.68
N VAL A 439 11.07 19.17 -2.31
CA VAL A 439 10.34 18.35 -3.28
C VAL A 439 9.02 18.97 -3.69
N ALA A 440 8.86 19.07 -5.00
CA ALA A 440 7.66 19.57 -5.60
C ALA A 440 6.48 18.70 -5.17
N PRO A 441 5.30 19.33 -5.05
CA PRO A 441 4.03 18.74 -4.66
C PRO A 441 3.37 17.87 -5.68
N TYR A 442 3.55 18.21 -6.94
CA TYR A 442 2.94 17.45 -8.02
C TYR A 442 4.09 16.90 -8.84
N ARG A 443 3.78 15.82 -9.55
CA ARG A 443 4.71 15.17 -10.42
C ARG A 443 5.07 16.14 -11.49
N TYR A 444 6.18 15.84 -12.14
CA TYR A 444 6.82 16.73 -13.10
C TYR A 444 5.99 16.75 -14.34
N ALA A 445 5.94 17.93 -14.92
CA ALA A 445 5.08 18.20 -16.04
C ALA A 445 5.68 19.25 -16.97
N GLY A 446 7.02 19.24 -17.07
CA GLY A 446 7.78 20.19 -17.93
C GLY A 446 8.22 21.49 -17.28
N GLU A 447 7.54 21.84 -16.18
CA GLU A 447 7.79 23.08 -15.45
C GLU A 447 9.22 23.18 -15.07
N LYS A 448 9.58 24.36 -14.56
CA LYS A 448 10.94 24.63 -14.15
C LYS A 448 11.02 25.92 -13.41
N LEU A 449 12.16 26.18 -12.80
CA LEU A 449 12.31 27.33 -11.91
C LEU A 449 12.19 28.61 -12.70
N GLU A 450 11.68 29.64 -12.04
CA GLU A 450 11.28 30.83 -12.77
C GLU A 450 11.30 32.09 -11.95
N LYS A 451 11.42 33.20 -12.68
CA LYS A 451 11.06 34.51 -12.18
C LYS A 451 9.53 34.55 -11.99
N VAL A 452 9.12 34.66 -10.72
CA VAL A 452 7.72 34.73 -10.33
C VAL A 452 7.39 36.11 -9.78
N ASN A 453 6.26 36.65 -10.25
CA ASN A 453 5.84 37.97 -9.81
CA ASN A 453 5.78 37.97 -9.81
C ASN A 453 4.96 37.81 -8.55
N LYS A 454 4.94 38.82 -7.69
CA LYS A 454 4.18 38.73 -6.43
C LYS A 454 2.67 38.55 -6.64
N GLN A 455 2.08 39.26 -7.60
CA GLN A 455 0.64 39.17 -7.87
C GLN A 455 0.20 37.73 -8.16
N ASP A 456 1.06 37.01 -8.86
CA ASP A 456 0.80 35.63 -9.21
C ASP A 456 0.86 34.67 -8.00
N VAL A 457 1.50 35.12 -6.91
CA VAL A 457 1.51 34.36 -5.66
C VAL A 457 0.30 34.64 -4.81
N VAL A 458 0.01 35.92 -4.63
CA VAL A 458 -1.04 36.30 -3.70
C VAL A 458 -2.29 35.49 -3.96
N GLY A 459 -2.90 34.99 -2.91
CA GLY A 459 -4.14 34.30 -3.11
C GLY A 459 -4.43 33.28 -2.06
N GLU A 460 -5.31 32.36 -2.42
CA GLU A 460 -5.84 31.37 -1.50
C GLU A 460 -5.24 29.99 -1.84
N TYR A 461 -4.69 29.29 -0.86
CA TYR A 461 -4.02 28.01 -1.15
C TYR A 461 -4.58 26.74 -0.46
N GLN A 462 -4.27 25.59 -1.03
CA GLN A 462 -4.43 24.33 -0.35
C GLN A 462 -3.09 24.06 0.31
N LEU A 463 -3.12 23.65 1.58
CA LEU A 463 -1.88 23.46 2.33
C LEU A 463 -1.81 22.13 3.06
N ILE A 464 -0.90 21.28 2.59
CA ILE A 464 -0.60 20.03 3.26
C ILE A 464 0.70 20.14 4.02
N ASN A 465 0.73 19.49 5.19
CA ASN A 465 1.90 19.46 6.07
C ASN A 465 2.28 18.04 6.35
N HIS A 466 3.44 17.63 5.91
CA HIS A 466 3.80 16.21 6.01
C HIS A 466 4.08 15.62 7.41
N GLY A 467 4.48 16.46 8.36
CA GLY A 467 4.71 16.04 9.73
C GLY A 467 5.91 15.11 9.81
N LYS A 468 5.91 14.30 10.86
CA LYS A 468 6.89 13.24 11.03
C LYS A 468 6.26 11.84 11.12
N ASP A 469 5.06 11.78 11.64
CA ASP A 469 4.40 10.54 11.88
C ASP A 469 4.09 9.80 10.56
N TYR A 470 3.88 8.49 10.64
CA TYR A 470 3.55 7.70 9.47
C TYR A 470 2.75 6.43 9.84
N SER A 471 1.66 6.22 9.09
CA SER A 471 0.80 5.09 9.30
C SER A 471 -0.07 4.95 8.06
N ALA A 472 -1.07 4.11 8.12
CA ALA A 472 -2.05 4.05 7.02
C ALA A 472 -2.81 5.38 6.83
N ASP A 473 -2.74 6.26 7.81
CA ASP A 473 -3.43 7.52 7.78
C ASP A 473 -2.94 8.43 6.67
N ILE A 474 -3.86 9.13 6.04
CA ILE A 474 -3.54 10.03 4.94
C ILE A 474 -3.64 11.49 5.39
N LYS A 475 -2.61 12.27 5.06
CA LYS A 475 -2.54 13.70 5.39
C LYS A 475 -3.32 14.48 4.36
N LYS A 476 -4.10 15.46 4.84
CA LYS A 476 -5.00 16.23 4.01
C LYS A 476 -4.83 17.74 4.22
N GLN A 477 -5.35 18.49 3.25
CA GLN A 477 -5.15 19.93 3.18
C GLN A 477 -6.01 20.74 4.18
N ILE A 478 -5.51 21.93 4.45
CA ILE A 478 -6.24 23.00 5.06
C ILE A 478 -6.23 24.12 4.04
N PHE A 479 -6.96 25.19 4.31
CA PHE A 479 -7.03 26.36 3.44
C PHE A 479 -6.44 27.61 4.11
N VAL A 480 -5.52 28.24 3.41
CA VAL A 480 -4.96 29.46 3.91
C VAL A 480 -5.02 30.45 2.78
N ARG A 481 -4.55 31.65 3.06
CA ARG A 481 -4.23 32.54 1.97
C ARG A 481 -2.99 33.32 2.31
N LEU A 482 -2.27 33.69 1.24
CA LEU A 482 -1.11 34.52 1.33
C LEU A 482 -1.57 35.87 0.84
N ASN A 483 -1.56 36.83 1.73
CA ASN A 483 -2.08 38.15 1.44
C ASN A 483 -1.00 39.05 0.98
N ARG A 484 -1.41 40.12 0.31
CA ARG A 484 -0.46 40.98 -0.35
C ARG A 484 0.42 41.68 0.67
N ASN A 485 -0.07 41.84 1.91
CA ASN A 485 0.76 42.41 2.99
C ASN A 485 1.51 41.37 3.79
N ASN A 486 1.90 40.29 3.12
CA ASN A 486 2.92 39.32 3.57
C ASN A 486 2.55 38.58 4.84
N THR A 487 1.26 38.40 5.03
CA THR A 487 0.74 37.65 6.15
C THR A 487 0.05 36.44 5.58
N ILE A 488 -0.11 35.45 6.45
CA ILE A 488 -0.83 34.24 6.10
C ILE A 488 -2.01 34.14 7.02
N SER A 489 -3.19 33.99 6.46
CA SER A 489 -4.39 33.90 7.25
C SER A 489 -5.21 32.69 6.78
N GLY A 490 -6.19 32.31 7.59
CA GLY A 490 -7.12 31.23 7.23
C GLY A 490 -6.99 30.13 8.24
N ASP A 491 -6.81 28.90 7.79
CA ASP A 491 -6.62 27.78 8.72
C ASP A 491 -5.33 27.84 9.51
N ALA A 492 -4.41 28.71 9.12
CA ALA A 492 -3.28 29.05 9.95
C ALA A 492 -2.98 30.49 9.80
N THR A 493 -2.13 30.98 10.68
CA THR A 493 -1.72 32.40 10.63
C THR A 493 -0.18 32.56 10.73
N GLY A 494 0.33 33.58 10.04
CA GLY A 494 1.75 33.80 10.01
C GLY A 494 2.15 34.76 8.93
N THR A 495 3.25 34.46 8.26
CA THR A 495 3.88 35.41 7.34
C THR A 495 4.57 34.69 6.18
N TRP A 496 4.91 35.45 5.15
CA TRP A 496 5.63 34.91 3.99
C TRP A 496 6.32 36.04 3.20
N ARG A 497 7.37 35.66 2.47
CA ARG A 497 8.01 36.54 1.50
C ARG A 497 8.49 35.69 0.35
N LYS A 498 8.67 36.35 -0.77
CA LYS A 498 9.33 35.75 -1.88
C LYS A 498 10.66 36.47 -2.03
N ILE A 499 11.77 35.84 -1.66
CA ILE A 499 13.10 36.42 -1.94
C ILE A 499 13.47 36.16 -3.41
N GLY A 500 14.06 37.14 -4.05
CA GLY A 500 14.50 36.96 -5.42
C GLY A 500 13.37 36.55 -6.36
N HIS A 501 13.69 35.69 -7.30
CA HIS A 501 12.71 35.22 -8.26
C HIS A 501 11.70 34.28 -7.69
N ASN A 502 12.17 33.37 -6.87
CA ASN A 502 11.37 32.26 -6.53
C ASN A 502 11.50 31.79 -5.11
N GLN A 503 12.53 32.19 -4.41
CA GLN A 503 12.70 31.68 -3.05
C GLN A 503 11.52 32.07 -2.17
N ALA A 504 11.03 31.10 -1.40
CA ALA A 504 9.88 31.26 -0.55
C ALA A 504 10.27 31.12 0.93
N GLU A 505 9.91 32.10 1.76
CA GLU A 505 10.00 32.03 3.25
C GLU A 505 8.60 31.95 3.86
N ILE A 506 8.32 30.90 4.62
CA ILE A 506 7.04 30.80 5.25
C ILE A 506 7.22 30.54 6.76
N THR A 507 6.41 31.21 7.57
CA THR A 507 6.64 31.21 8.99
C THR A 507 5.31 31.06 9.69
N ILE A 508 5.13 30.00 10.47
CA ILE A 508 3.82 29.59 11.03
C ILE A 508 3.91 29.06 12.46
N ASP A 509 3.20 29.71 13.40
CA ASP A 509 3.39 29.51 14.84
C ASP A 509 4.87 29.19 15.15
N GLY A 510 5.72 30.17 14.87
CA GLY A 510 7.16 30.09 15.16
C GLY A 510 8.05 29.36 14.15
N GLU A 511 7.45 28.51 13.33
CA GLU A 511 8.19 27.64 12.41
C GLU A 511 8.45 28.33 11.09
N THR A 512 9.70 28.43 10.71
CA THR A 512 10.07 29.02 9.45
C THR A 512 10.41 27.88 8.51
N TYR A 513 9.65 27.79 7.42
CA TYR A 513 9.83 26.78 6.38
C TYR A 513 10.48 27.46 5.21
N ASP A 514 11.58 26.90 4.70
CA ASP A 514 12.30 27.52 3.57
C ASP A 514 12.27 26.65 2.33
N GLY A 515 11.80 27.20 1.21
CA GLY A 515 11.79 26.46 -0.03
C GLY A 515 11.73 27.34 -1.27
N VAL A 516 10.74 27.09 -2.12
CA VAL A 516 10.54 27.86 -3.35
C VAL A 516 9.06 27.91 -3.79
N PHE A 517 8.79 28.84 -4.70
CA PHE A 517 7.51 28.94 -5.36
C PHE A 517 7.73 28.46 -6.79
N VAL A 518 6.74 27.78 -7.36
CA VAL A 518 6.88 27.33 -8.72
C VAL A 518 5.54 26.86 -9.32
N ARG A 519 5.33 27.11 -10.62
CA ARG A 519 4.14 26.62 -11.29
C ARG A 519 4.21 25.12 -11.44
N GLN A 520 3.05 24.46 -11.38
CA GLN A 520 2.96 22.99 -11.40
C GLN A 520 1.71 22.60 -12.14
N TRP A 521 1.67 21.41 -12.74
CA TRP A 521 0.44 20.89 -13.37
C TRP A 521 -0.47 20.30 -12.33
N ASP A 522 -1.68 20.84 -12.23
CA ASP A 522 -2.72 20.28 -11.36
C ASP A 522 -3.73 19.48 -12.20
N PRO A 523 -3.68 18.14 -12.13
CA PRO A 523 -4.65 17.33 -12.90
C PRO A 523 -6.10 17.58 -12.49
N THR A 524 -6.35 17.88 -11.22
CA THR A 524 -7.71 18.08 -10.79
C THR A 524 -8.29 19.27 -11.54
N SER A 525 -7.75 20.46 -11.36
CA SER A 525 -8.30 21.62 -12.08
C SER A 525 -7.94 21.64 -13.54
N LYS A 526 -6.91 20.93 -13.93
CA LYS A 526 -6.49 20.90 -15.29
C LYS A 526 -5.96 22.25 -15.66
N ARG A 527 -5.01 22.71 -14.89
CA ARG A 527 -4.39 23.98 -15.13
C ARG A 527 -3.03 23.94 -14.55
N TYR A 528 -2.18 24.83 -14.99
CA TYR A 528 -0.92 25.05 -14.32
C TYR A 528 -1.25 26.02 -13.20
N VAL A 529 -0.84 25.67 -12.00
CA VAL A 529 -1.12 26.47 -10.84
C VAL A 529 0.17 26.81 -10.11
N MET A 530 0.17 27.96 -9.44
CA MET A 530 1.25 28.38 -8.59
C MET A 530 1.27 27.46 -7.40
N ALA A 531 2.42 27.38 -6.75
CA ALA A 531 2.66 26.32 -5.79
C ALA A 531 3.88 26.62 -4.99
N PHE A 532 4.03 25.97 -3.83
CA PHE A 532 5.26 26.10 -3.04
C PHE A 532 5.57 24.85 -2.23
N THR A 533 6.85 24.57 -2.03
CA THR A 533 7.31 23.45 -1.18
C THR A 533 8.44 23.95 -0.27
N ALA A 534 8.46 23.53 0.98
CA ALA A 534 9.35 24.18 1.96
C ALA A 534 9.62 23.38 3.23
N LEU A 535 10.84 23.50 3.72
CA LEU A 535 11.29 22.73 4.85
C LEU A 535 11.59 23.62 6.06
N SER A 536 11.07 23.22 7.21
CA SER A 536 11.35 23.86 8.49
C SER A 536 12.68 23.35 9.03
N ASN A 537 13.06 23.87 10.17
CA ASN A 537 14.20 23.32 10.87
C ASN A 537 13.81 22.17 11.76
N GLU A 538 12.59 21.67 11.60
CA GLU A 538 12.23 20.42 12.22
C GLU A 538 12.37 19.34 11.16
N GLY A 539 12.63 19.75 9.93
CA GLY A 539 12.66 18.81 8.84
C GLY A 539 11.27 18.33 8.53
N VAL A 540 10.30 19.27 8.54
CA VAL A 540 8.89 19.00 8.24
C VAL A 540 8.55 19.74 6.98
N SER A 541 8.02 19.06 5.99
CA SER A 541 7.75 19.73 4.72
C SER A 541 6.33 20.22 4.74
N ILE A 542 6.09 21.42 4.22
CA ILE A 542 4.72 21.81 3.86
C ILE A 542 4.63 22.03 2.38
N TRP A 543 3.47 21.80 1.80
CA TRP A 543 3.27 21.93 0.38
C TRP A 543 2.08 22.83 0.16
N GLY A 544 2.13 23.70 -0.82
CA GLY A 544 0.98 24.53 -1.14
C GLY A 544 0.63 24.47 -2.62
N SER A 545 -0.67 24.36 -2.91
CA SER A 545 -1.20 24.57 -4.26
C SER A 545 -2.23 25.71 -4.28
N LYS A 546 -2.06 26.61 -5.24
CA LYS A 546 -2.92 27.78 -5.32
C LYS A 546 -4.30 27.44 -5.89
N LEU A 547 -5.32 27.92 -5.21
CA LEU A 547 -6.68 27.76 -5.67
C LEU A 547 -6.94 28.93 -6.58
N ALA A 548 -7.96 28.83 -7.42
CA ALA A 548 -8.29 29.88 -8.41
C ALA A 548 -9.18 30.93 -7.78
N ASP A 549 -8.93 32.18 -8.10
CA ASP A 549 -9.75 33.22 -7.49
C ASP A 549 -11.24 32.93 -7.75
N LYS A 550 -12.08 33.24 -6.77
CA LYS A 550 -13.51 32.95 -6.87
C LYS A 550 -14.31 33.67 -5.81
N THR A 551 -15.28 34.47 -6.26
CA THR A 551 -16.19 35.14 -5.39
C THR A 551 -16.96 34.13 -4.58
N ASP A 552 -17.46 34.56 -3.43
CA ASP A 552 -18.29 33.70 -2.60
C ASP A 552 -19.58 33.25 -3.33
N GLU A 553 -20.21 34.13 -4.12
CA GLU A 553 -21.32 33.77 -5.04
CA GLU A 553 -21.35 33.71 -4.93
C GLU A 553 -20.89 32.57 -5.85
N GLU A 554 -19.77 32.73 -6.56
CA GLU A 554 -19.29 31.68 -7.50
C GLU A 554 -19.12 30.34 -6.86
N ILE A 555 -18.52 30.34 -5.68
CA ILE A 555 -18.17 29.11 -4.97
C ILE A 555 -19.45 28.34 -4.62
N VAL A 556 -20.36 29.06 -3.98
CA VAL A 556 -21.64 28.56 -3.56
C VAL A 556 -22.47 27.92 -4.69
N GLU A 557 -22.45 28.51 -5.89
CA GLU A 557 -23.16 27.91 -7.05
C GLU A 557 -22.41 26.66 -7.56
N ASP A 558 -21.08 26.68 -7.48
CA ASP A 558 -20.28 25.50 -7.80
C ASP A 558 -20.61 24.31 -6.95
N VAL A 559 -20.89 24.57 -5.67
CA VAL A 559 -21.15 23.54 -4.67
C VAL A 559 -22.51 22.91 -4.88
N ALA A 560 -23.50 23.76 -5.12
CA ALA A 560 -24.80 23.29 -5.52
C ALA A 560 -24.69 22.35 -6.72
N SER A 561 -23.97 22.80 -7.74
CA SER A 561 -23.94 22.06 -9.00
C SER A 561 -23.35 20.69 -8.79
N ASP A 562 -22.47 20.54 -7.80
CA ASP A 562 -21.76 19.27 -7.54
C ASP A 562 -22.48 18.41 -6.50
N LEU A 563 -23.49 18.98 -5.86
CA LEU A 563 -24.12 18.30 -4.77
C LEU A 563 -25.17 17.37 -5.31
N ASP A 564 -24.84 16.09 -5.38
CA ASP A 564 -25.86 15.14 -5.72
C ASP A 564 -25.96 14.03 -4.66
N LEU A 565 -27.13 13.42 -4.57
CA LEU A 565 -27.35 12.33 -3.63
C LEU A 565 -27.64 11.01 -4.32
N GLY A 566 -27.56 10.97 -5.66
CA GLY A 566 -27.83 9.73 -6.37
C GLY A 566 -29.32 9.48 -6.36
N ASP A 567 -29.72 8.22 -6.22
CA ASP A 567 -31.10 7.84 -6.39
C ASP A 567 -31.90 8.05 -5.10
N THR A 568 -32.66 9.16 -5.06
CA THR A 568 -33.51 9.46 -3.89
C THR A 568 -34.95 9.01 -4.13
N ASP A 569 -35.11 8.11 -5.09
CA ASP A 569 -36.43 7.65 -5.49
C ASP A 569 -36.78 6.25 -4.94
N HIS A 570 -35.76 5.50 -4.48
CA HIS A 570 -35.94 4.12 -4.04
C HIS A 570 -35.04 3.89 -2.86
N VAL A 571 -35.23 4.72 -1.84
CA VAL A 571 -34.27 4.88 -0.74
C VAL A 571 -34.53 3.82 0.35
N VAL A 572 -33.49 3.07 0.72
CA VAL A 572 -33.61 1.98 1.71
C VAL A 572 -32.61 2.08 2.88
N SER A 573 -31.54 2.85 2.71
CA SER A 573 -30.63 3.01 3.80
C SER A 573 -30.26 4.49 3.97
N ASN A 574 -29.65 4.81 5.11
CA ASN A 574 -29.38 6.20 5.43
C ASN A 574 -28.57 6.90 4.34
N LEU A 575 -28.83 8.18 4.07
CA LEU A 575 -28.10 8.91 3.05
C LEU A 575 -27.02 9.76 3.67
N HIS A 576 -25.83 9.74 3.05
CA HIS A 576 -24.71 10.59 3.50
C HIS A 576 -24.93 12.03 3.00
N LEU A 577 -25.27 12.91 3.93
CA LEU A 577 -25.43 14.31 3.65
C LEU A 577 -24.14 15.06 3.99
N PRO A 578 -23.40 15.46 2.97
CA PRO A 578 -22.18 16.17 3.30
C PRO A 578 -22.51 17.52 3.92
N THR A 579 -21.66 17.92 4.87
CA THR A 579 -21.82 19.17 5.62
C THR A 579 -20.75 20.22 5.30
N GLU A 580 -19.71 19.84 4.56
CA GLU A 580 -18.78 20.85 4.05
CA GLU A 580 -18.72 20.81 4.06
C GLU A 580 -18.65 20.77 2.54
N GLY A 581 -18.52 21.94 1.93
CA GLY A 581 -18.21 22.03 0.53
C GLY A 581 -16.79 22.56 0.46
N THR A 582 -16.36 22.87 -0.75
CA THR A 582 -15.05 23.47 -0.91
C THR A 582 -14.89 24.76 -0.09
N ARG A 583 -13.66 25.00 0.35
CA ARG A 583 -13.26 26.21 1.02
C ARG A 583 -14.16 26.56 2.21
N HIS A 584 -14.35 25.59 3.12
CA HIS A 584 -15.18 25.82 4.31
C HIS A 584 -16.57 26.41 4.05
N THR A 585 -17.14 25.86 3.01
CA THR A 585 -18.47 26.20 2.64
C THR A 585 -19.35 25.33 3.54
N VAL A 586 -20.32 25.94 4.21
CA VAL A 586 -21.18 25.24 5.14
C VAL A 586 -22.40 24.79 4.38
N ILE A 587 -22.67 23.48 4.41
CA ILE A 587 -23.88 22.95 3.85
C ILE A 587 -24.80 22.53 4.99
N SER A 588 -25.97 23.20 5.06
CA SER A 588 -26.91 23.02 6.19
C SER A 588 -28.17 22.36 5.70
N TRP A 589 -28.60 21.32 6.38
CA TRP A 589 -29.64 20.44 5.85
C TRP A 589 -30.94 20.41 6.67
N THR A 590 -32.05 20.82 6.09
CA THR A 590 -33.34 20.65 6.75
C THR A 590 -34.24 19.57 6.10
N THR A 591 -35.22 19.05 6.85
CA THR A 591 -36.16 18.03 6.34
C THR A 591 -37.62 18.43 6.46
N SER A 592 -38.42 18.14 5.43
CA SER A 592 -39.86 18.45 5.48
C SER A 592 -40.64 17.47 6.42
N ASP A 593 -39.99 16.36 6.80
CA ASP A 593 -40.57 15.40 7.72
C ASP A 593 -39.46 14.53 8.32
N ALA A 594 -39.13 14.69 9.60
CA ALA A 594 -38.05 13.88 10.24
C ALA A 594 -38.44 12.44 10.59
N LYS A 595 -39.74 12.12 10.45
CA LYS A 595 -40.23 10.73 10.54
C LYS A 595 -39.76 9.91 9.34
N VAL A 596 -39.54 10.57 8.21
CA VAL A 596 -39.05 9.88 7.02
C VAL A 596 -37.54 9.93 6.97
N VAL A 597 -36.98 11.10 7.26
CA VAL A 597 -35.55 11.21 7.20
C VAL A 597 -35.08 12.43 7.99
N SER A 598 -34.11 12.17 8.86
CA SER A 598 -33.51 13.19 9.71
C SER A 598 -32.64 14.17 8.91
N GLU A 599 -32.21 15.24 9.58
CA GLU A 599 -31.37 16.28 9.00
C GLU A 599 -30.01 15.72 8.68
N THR A 600 -29.68 14.55 9.25
CA THR A 600 -28.42 13.85 8.99
C THR A 600 -28.59 12.73 7.95
N GLY A 601 -29.81 12.51 7.49
CA GLY A 601 -30.08 11.47 6.51
C GLY A 601 -30.39 10.09 7.08
N VAL A 602 -30.85 10.05 8.33
CA VAL A 602 -31.30 8.82 8.91
C VAL A 602 -32.71 8.54 8.45
N VAL A 603 -32.85 7.49 7.65
CA VAL A 603 -34.15 7.11 7.10
C VAL A 603 -34.87 6.09 7.97
N HIS A 604 -36.19 6.11 7.84
CA HIS A 604 -37.04 5.17 8.52
C HIS A 604 -37.95 4.42 7.52
N ARG A 605 -37.61 3.19 7.19
CA ARG A 605 -38.41 2.43 6.24
C ARG A 605 -39.75 2.03 6.87
N PRO A 606 -40.88 2.45 6.28
CA PRO A 606 -42.15 2.00 6.85
C PRO A 606 -42.24 0.49 6.91
N GLU A 607 -43.27 0.04 7.60
CA GLU A 607 -43.42 -1.37 7.94
C GLU A 607 -43.78 -2.20 6.73
N VAL A 608 -43.73 -3.53 6.81
CA VAL A 608 -44.21 -4.29 5.65
C VAL A 608 -45.70 -3.96 5.47
N GLY A 609 -46.12 -3.82 4.23
CA GLY A 609 -47.50 -3.52 3.92
C GLY A 609 -47.97 -2.10 4.21
N SER A 610 -47.01 -1.19 4.47
CA SER A 610 -47.33 0.23 4.64
C SER A 610 -46.96 0.97 3.39
N ALA A 611 -47.64 2.10 3.18
CA ALA A 611 -47.35 2.94 2.03
C ALA A 611 -45.90 3.40 2.18
N PRO A 612 -45.24 3.72 1.06
CA PRO A 612 -43.90 4.31 1.08
C PRO A 612 -44.03 5.78 1.33
N VAL A 613 -43.06 6.38 2.01
CA VAL A 613 -43.23 7.76 2.49
C VAL A 613 -42.27 8.75 1.81
N THR A 614 -42.67 10.01 1.76
CA THR A 614 -41.91 11.06 1.06
C THR A 614 -41.54 12.23 1.97
N ALA A 615 -40.53 12.97 1.53
CA ALA A 615 -40.06 14.09 2.30
C ALA A 615 -39.13 14.91 1.45
N THR A 616 -38.80 16.09 1.95
CA THR A 616 -37.94 16.98 1.22
C THR A 616 -36.76 17.48 2.05
N LEU A 617 -35.58 17.30 1.47
CA LEU A 617 -34.34 17.78 2.03
C LEU A 617 -33.84 19.01 1.28
N THR A 618 -33.48 20.01 2.08
CA THR A 618 -33.01 21.27 1.58
C THR A 618 -31.55 21.53 2.00
N ALA A 619 -30.67 21.45 1.01
CA ALA A 619 -29.33 21.96 1.15
C ALA A 619 -29.38 23.48 1.06
N THR A 620 -28.72 24.07 2.05
CA THR A 620 -28.57 25.48 2.15
C THR A 620 -27.10 25.73 2.38
N ILE A 621 -26.51 26.30 1.35
CA ILE A 621 -25.06 26.33 1.14
C ILE A 621 -24.67 27.76 1.40
N THR A 622 -23.61 27.94 2.19
CA THR A 622 -23.23 29.27 2.63
C THR A 622 -21.72 29.48 2.71
N LYS A 623 -21.25 30.48 1.99
CA LYS A 623 -19.88 31.01 2.18
C LYS A 623 -19.97 32.51 2.23
N GLY A 624 -19.35 33.12 3.24
CA GLY A 624 -19.49 34.57 3.40
C GLY A 624 -20.95 34.88 3.61
N ASP A 625 -21.47 35.89 2.90
CA ASP A 625 -22.92 36.19 2.82
C ASP A 625 -23.54 35.69 1.54
N ALA A 626 -22.84 34.82 0.84
CA ALA A 626 -23.40 34.29 -0.37
C ALA A 626 -24.08 33.03 0.04
N THR A 627 -25.12 32.67 -0.71
CA THR A 627 -25.90 31.50 -0.34
C THR A 627 -26.61 30.88 -1.57
N ALA A 628 -26.75 29.55 -1.57
CA ALA A 628 -27.65 28.92 -2.53
C ALA A 628 -28.35 27.67 -1.99
N THR A 629 -29.33 27.22 -2.74
CA THR A 629 -30.30 26.30 -2.21
C THR A 629 -30.67 25.25 -3.23
N LYS A 630 -30.39 24.00 -2.88
CA LYS A 630 -30.76 22.91 -3.74
C LYS A 630 -31.64 21.97 -2.94
N VAL A 631 -32.75 21.55 -3.55
CA VAL A 631 -33.65 20.58 -2.91
C VAL A 631 -33.63 19.23 -3.58
N PHE A 632 -33.94 18.23 -2.77
CA PHE A 632 -34.06 16.85 -3.19
C PHE A 632 -35.35 16.30 -2.62
N HIS A 633 -36.14 15.60 -3.44
CA HIS A 633 -37.37 14.99 -2.98
C HIS A 633 -36.99 13.57 -2.74
N ILE A 634 -37.31 13.02 -1.57
CA ILE A 634 -36.91 11.67 -1.21
C ILE A 634 -38.10 10.73 -1.19
N THR A 635 -37.87 9.47 -1.53
CA THR A 635 -38.86 8.40 -1.27
C THR A 635 -38.20 7.23 -0.57
N VAL A 636 -38.63 6.98 0.66
CA VAL A 636 -38.20 5.82 1.46
C VAL A 636 -39.22 4.68 1.32
N LEU A 637 -38.71 3.48 1.04
CA LEU A 637 -39.54 2.34 0.80
C LEU A 637 -39.74 1.46 2.05
N PRO A 638 -40.97 0.94 2.17
CA PRO A 638 -41.21 0.02 3.25
C PRO A 638 -40.40 -1.20 3.03
N TYR A 639 -40.35 -1.99 4.08
CA TYR A 639 -39.78 -3.30 3.99
C TYR A 639 -40.72 -4.16 3.18
N GLU A 640 -40.16 -5.05 2.37
CA GLU A 640 -40.90 -6.18 1.81
C GLU A 640 -40.29 -7.43 2.44
N GLU A 641 -41.14 -8.44 2.66
CA GLU A 641 -40.73 -9.68 3.27
C GLU A 641 -39.99 -10.55 2.29
N ALA A 642 -38.80 -11.01 2.66
CA ALA A 642 -38.02 -11.88 1.81
C ALA A 642 -38.73 -13.21 1.83
N LYS A 643 -38.59 -13.98 0.76
CA LYS A 643 -39.55 -15.06 0.45
C LYS A 643 -38.88 -16.44 0.40
N LEU A 644 -39.41 -17.38 1.19
CA LEU A 644 -38.70 -18.61 1.45
C LEU A 644 -38.67 -19.49 0.23
N THR A 645 -37.48 -19.81 -0.26
CA THR A 645 -37.32 -20.55 -1.50
C THR A 645 -36.75 -22.01 -1.37
N ALA A 646 -35.96 -22.26 -0.34
CA ALA A 646 -35.49 -23.62 -0.03
C ALA A 646 -35.24 -23.79 1.45
N HIS A 647 -35.60 -24.97 1.95
CA HIS A 647 -35.51 -25.29 3.38
C HIS A 647 -35.13 -26.76 3.48
N TYR A 648 -33.86 -26.97 3.76
CA TYR A 648 -33.31 -28.27 4.09
C TYR A 648 -33.35 -28.35 5.62
N SER A 649 -34.44 -28.93 6.12
CA SER A 649 -34.65 -29.03 7.56
C SER A 649 -33.98 -30.28 8.14
N PHE A 650 -33.70 -31.26 7.27
CA PHE A 650 -33.18 -32.56 7.67
C PHE A 650 -34.16 -33.31 8.58
N ASP A 651 -35.43 -32.94 8.53
CA ASP A 651 -36.37 -33.38 9.52
C ASP A 651 -36.88 -34.78 9.21
N ASN A 652 -36.65 -35.27 8.00
CA ASN A 652 -37.04 -36.65 7.66
C ASN A 652 -35.83 -37.53 7.37
N ASN A 653 -34.75 -37.31 8.10
CA ASN A 653 -33.54 -38.13 7.98
C ASN A 653 -33.08 -38.22 6.54
N ASP A 654 -33.22 -37.11 5.84
CA ASP A 654 -32.80 -37.01 4.43
C ASP A 654 -32.42 -35.57 4.08
N LEU A 655 -31.99 -35.37 2.84
CA LEU A 655 -31.43 -34.09 2.40
C LEU A 655 -32.41 -33.30 1.58
N SER A 656 -33.71 -33.54 1.77
CA SER A 656 -34.74 -32.98 0.90
C SER A 656 -35.08 -31.49 1.17
N ASP A 657 -35.59 -30.84 0.13
CA ASP A 657 -36.00 -29.46 0.23
C ASP A 657 -37.51 -29.37 0.39
N SER A 658 -37.95 -29.24 1.63
CA SER A 658 -39.38 -29.22 1.95
C SER A 658 -40.20 -28.19 1.20
N THR A 659 -39.57 -27.29 0.47
CA THR A 659 -40.34 -26.35 -0.34
C THR A 659 -40.82 -27.00 -1.65
N GLY A 660 -40.14 -28.04 -2.10
CA GLY A 660 -40.44 -28.61 -3.41
C GLY A 660 -39.57 -28.04 -4.52
N ASN A 661 -39.11 -26.79 -4.33
CA ASN A 661 -38.34 -26.08 -5.36
C ASN A 661 -37.00 -26.66 -5.82
N PHE A 662 -36.36 -27.51 -5.02
CA PHE A 662 -35.00 -27.98 -5.37
C PHE A 662 -34.77 -29.47 -5.11
N GLY A 663 -33.89 -30.07 -5.90
CA GLY A 663 -33.47 -31.45 -5.67
C GLY A 663 -32.70 -31.58 -4.36
N PRO A 664 -32.64 -32.80 -3.82
CA PRO A 664 -31.99 -33.00 -2.54
C PRO A 664 -30.49 -32.79 -2.58
N GLY A 665 -29.92 -32.59 -1.40
CA GLY A 665 -28.48 -32.55 -1.27
C GLY A 665 -27.95 -33.95 -1.46
N THR A 666 -26.63 -34.03 -1.57
CA THR A 666 -25.90 -35.27 -1.79
C THR A 666 -24.60 -35.12 -1.03
N ILE A 667 -23.88 -36.22 -0.79
CA ILE A 667 -22.78 -36.21 0.20
C ILE A 667 -21.34 -36.19 -0.35
N THR A 668 -20.61 -35.17 0.06
CA THR A 668 -19.20 -35.04 -0.27
C THR A 668 -18.31 -35.76 0.72
N GLY A 669 -17.03 -35.77 0.38
CA GLY A 669 -15.96 -36.14 1.27
C GLY A 669 -15.56 -34.89 2.02
N ASN A 670 -14.26 -34.72 2.25
CA ASN A 670 -13.71 -33.57 2.99
C ASN A 670 -13.62 -32.26 2.19
N ARG A 671 -13.81 -32.36 0.86
CA ARG A 671 -13.85 -31.21 -0.04
C ARG A 671 -15.20 -31.18 -0.79
N ILE A 672 -15.53 -30.03 -1.36
CA ILE A 672 -16.79 -29.80 -2.08
C ILE A 672 -16.93 -30.61 -3.36
N ASP A 673 -15.83 -30.88 -4.05
CA ASP A 673 -15.93 -31.56 -5.37
C ASP A 673 -15.54 -33.00 -5.30
N ASN A 674 -15.41 -33.55 -4.09
CA ASN A 674 -15.20 -35.00 -3.93
C ASN A 674 -16.36 -35.66 -3.21
N GLU A 675 -16.19 -36.96 -2.95
CA GLU A 675 -17.24 -37.80 -2.42
C GLU A 675 -16.60 -38.72 -1.38
N GLY A 676 -17.45 -39.45 -0.63
CA GLY A 676 -17.00 -40.44 0.33
C GLY A 676 -17.14 -39.97 1.76
N GLY A 677 -18.34 -39.53 2.12
CA GLY A 677 -18.60 -39.14 3.50
C GLY A 677 -19.90 -39.73 4.04
N THR A 678 -20.12 -39.53 5.34
CA THR A 678 -21.36 -39.96 6.00
C THR A 678 -22.08 -38.79 6.69
N ILE A 679 -23.41 -38.79 6.54
CA ILE A 679 -24.24 -37.87 7.28
C ILE A 679 -25.23 -38.67 8.16
N ALA A 680 -25.07 -38.51 9.47
CA ALA A 680 -26.01 -39.08 10.42
C ALA A 680 -27.03 -38.04 10.67
N TYR A 681 -28.09 -38.42 11.38
CA TYR A 681 -29.14 -37.48 11.74
C TYR A 681 -29.42 -37.59 13.23
N ALA A 682 -28.82 -36.67 13.99
CA ALA A 682 -29.04 -36.54 15.43
C ALA A 682 -30.21 -35.57 15.71
N ASP A 683 -30.58 -35.48 16.99
CA ASP A 683 -31.62 -34.55 17.43
C ASP A 683 -31.14 -33.10 17.35
N GLY A 684 -32.00 -32.24 16.81
CA GLY A 684 -31.62 -30.89 16.43
C GLY A 684 -32.28 -29.75 17.21
N LYS A 685 -31.97 -28.53 16.76
CA LYS A 685 -32.53 -27.33 17.36
C LYS A 685 -34.02 -27.30 17.06
N ILE A 686 -34.37 -27.77 15.87
CA ILE A 686 -35.75 -27.88 15.47
C ILE A 686 -35.89 -29.20 14.74
N GLY A 687 -36.47 -30.19 15.42
CA GLY A 687 -36.51 -31.55 14.88
C GLY A 687 -35.11 -32.13 14.74
N LYS A 688 -34.89 -32.98 13.75
CA LYS A 688 -33.59 -33.58 13.62
C LYS A 688 -32.63 -32.66 12.87
N ALA A 689 -31.34 -32.84 13.14
CA ALA A 689 -30.26 -32.05 12.57
C ALA A 689 -29.36 -32.95 11.73
N ALA A 690 -28.64 -32.36 10.79
CA ALA A 690 -27.56 -33.07 10.12
C ALA A 690 -26.39 -33.26 11.07
N VAL A 691 -25.52 -34.22 10.75
CA VAL A 691 -24.30 -34.40 11.52
C VAL A 691 -23.12 -34.35 10.59
N LEU A 692 -22.26 -33.39 10.85
CA LEU A 692 -21.01 -33.35 10.15
C LEU A 692 -19.90 -33.84 11.05
N ASN A 693 -19.25 -34.90 10.57
CA ASN A 693 -18.28 -35.65 11.36
C ASN A 693 -16.82 -35.23 11.14
N GLY A 694 -16.59 -34.12 10.44
CA GLY A 694 -15.23 -33.65 10.13
C GLY A 694 -14.66 -34.21 8.84
N GLN A 695 -15.20 -35.32 8.36
CA GLN A 695 -14.74 -35.96 7.12
C GLN A 695 -15.69 -35.68 5.96
N SER A 696 -16.93 -35.34 6.28
CA SER A 696 -17.98 -35.27 5.29
C SER A 696 -18.56 -33.87 5.17
N GLY A 697 -19.42 -33.69 4.17
CA GLY A 697 -20.09 -32.40 3.89
C GLY A 697 -21.23 -32.60 2.91
N ILE A 698 -22.03 -31.57 2.68
CA ILE A 698 -23.20 -31.68 1.83
C ILE A 698 -23.18 -30.76 0.61
N ARG A 699 -23.43 -31.36 -0.55
CA ARG A 699 -23.43 -30.66 -1.83
C ARG A 699 -24.83 -30.21 -2.14
N LEU A 700 -24.99 -28.94 -2.46
CA LEU A 700 -26.30 -28.42 -2.78
C LEU A 700 -26.39 -28.10 -4.25
N PRO A 701 -27.59 -28.24 -4.79
CA PRO A 701 -27.83 -27.93 -6.18
C PRO A 701 -27.09 -26.68 -6.66
N ASP A 702 -26.48 -26.77 -7.83
CA ASP A 702 -25.94 -25.58 -8.47
C ASP A 702 -27.12 -24.63 -8.58
N GLY A 703 -26.87 -23.33 -8.54
CA GLY A 703 -27.97 -22.35 -8.68
C GLY A 703 -29.00 -22.29 -7.56
N LEU A 704 -28.65 -22.83 -6.40
CA LEU A 704 -29.46 -22.68 -5.20
C LEU A 704 -29.77 -21.18 -4.95
N VAL A 705 -28.77 -20.36 -5.11
CA VAL A 705 -28.97 -18.94 -5.12
C VAL A 705 -28.58 -18.54 -6.50
N SER A 706 -29.24 -17.52 -7.06
CA SER A 706 -28.92 -17.05 -8.43
C SER A 706 -29.12 -15.56 -8.70
N SER A 707 -29.01 -14.74 -7.64
CA SER A 707 -29.42 -13.33 -7.65
C SER A 707 -28.39 -12.46 -6.89
N ASN A 708 -28.73 -11.19 -6.71
CA ASN A 708 -28.05 -10.38 -5.72
C ASN A 708 -29.04 -9.86 -4.67
N GLN A 709 -30.19 -10.51 -4.62
CA GLN A 709 -31.27 -10.17 -3.72
C GLN A 709 -31.68 -11.41 -2.97
N TYR A 710 -30.94 -11.76 -1.93
CA TYR A 710 -31.15 -13.04 -1.30
C TYR A 710 -30.76 -13.09 0.16
N SER A 711 -30.97 -14.25 0.76
CA SER A 711 -30.68 -14.44 2.17
C SER A 711 -30.47 -15.87 2.58
N VAL A 712 -29.75 -16.06 3.67
CA VAL A 712 -29.49 -17.36 4.23
C VAL A 712 -29.64 -17.36 5.75
N SER A 713 -30.29 -18.40 6.26
CA SER A 713 -30.45 -18.64 7.70
C SER A 713 -30.00 -20.06 7.99
N LEU A 714 -29.35 -20.25 9.14
CA LEU A 714 -29.15 -21.58 9.69
C LEU A 714 -28.62 -21.59 11.14
N TRP A 715 -28.62 -22.79 11.72
CA TRP A 715 -28.37 -23.01 13.13
C TRP A 715 -27.20 -23.95 13.28
N VAL A 716 -26.14 -23.53 13.95
CA VAL A 716 -25.04 -24.45 14.14
C VAL A 716 -24.74 -24.68 15.59
N LYS A 717 -24.39 -25.93 15.87
CA LYS A 717 -23.87 -26.36 17.16
C LYS A 717 -22.58 -27.05 16.81
N PRO A 718 -21.44 -26.30 16.88
CA PRO A 718 -20.11 -26.78 16.50
C PRO A 718 -19.39 -27.53 17.63
N GLU A 719 -18.82 -28.69 17.31
CA GLU A 719 -18.14 -29.51 18.29
C GLU A 719 -16.73 -28.96 18.49
N GLN A 720 -16.12 -28.46 17.42
CA GLN A 720 -14.83 -27.78 17.47
C GLN A 720 -14.75 -26.65 16.42
N LEU A 721 -13.65 -25.88 16.45
CA LEU A 721 -13.48 -24.67 15.63
C LEU A 721 -12.15 -24.62 14.86
N THR A 722 -12.17 -24.83 13.54
CA THR A 722 -10.92 -24.74 12.73
C THR A 722 -10.91 -23.56 11.75
N THR A 723 -9.87 -22.75 11.84
CA THR A 723 -9.86 -21.47 11.11
C THR A 723 -10.16 -21.68 9.63
N HIS A 724 -11.06 -20.83 9.13
CA HIS A 724 -11.51 -20.75 7.72
C HIS A 724 -12.62 -21.71 7.42
N THR A 725 -12.67 -22.83 8.13
CA THR A 725 -13.66 -23.89 7.88
C THR A 725 -15.03 -23.29 7.76
N THR A 726 -15.67 -23.46 6.60
CA THR A 726 -17.01 -22.91 6.32
C THR A 726 -18.18 -23.68 6.88
N THR A 727 -19.34 -23.05 6.80
CA THR A 727 -20.63 -23.70 6.98
C THR A 727 -21.34 -23.52 5.65
N PHE A 728 -22.02 -22.39 5.43
CA PHE A 728 -22.58 -22.10 4.10
C PHE A 728 -21.51 -21.67 3.06
N PHE A 729 -21.27 -22.51 2.04
CA PHE A 729 -20.30 -22.19 1.01
C PHE A 729 -20.94 -22.11 -0.38
N GLY A 730 -20.72 -20.98 -1.04
CA GLY A 730 -21.23 -20.76 -2.40
C GLY A 730 -20.10 -20.24 -3.25
N ALA A 731 -20.04 -20.68 -4.51
CA ALA A 731 -18.89 -20.48 -5.36
C ALA A 731 -19.19 -20.74 -6.84
N LYS A 732 -18.98 -19.73 -7.69
CA LYS A 732 -18.93 -19.95 -9.14
C LYS A 732 -17.62 -20.69 -9.48
N ASP A 733 -16.51 -20.30 -8.84
CA ASP A 733 -15.20 -21.00 -8.91
C ASP A 733 -14.29 -20.57 -7.74
N PRO A 734 -13.10 -21.17 -7.64
CA PRO A 734 -12.18 -20.90 -6.50
C PRO A 734 -11.61 -19.50 -6.31
N ASN A 735 -11.76 -18.62 -7.29
CA ASN A 735 -11.53 -17.18 -7.04
C ASN A 735 -12.85 -16.38 -6.87
N HIS A 736 -13.97 -17.08 -6.95
CA HIS A 736 -15.29 -16.46 -6.81
C HIS A 736 -16.19 -17.30 -5.90
N TRP A 737 -16.21 -16.92 -4.64
CA TRP A 737 -16.85 -17.69 -3.62
C TRP A 737 -17.24 -16.80 -2.44
N ILE A 738 -18.23 -17.27 -1.70
CA ILE A 738 -18.71 -16.65 -0.47
C ILE A 738 -18.81 -17.75 0.60
N SER A 739 -18.45 -17.42 1.83
CA SER A 739 -18.33 -18.41 2.88
C SER A 739 -18.69 -17.88 4.24
N LEU A 740 -19.58 -18.58 4.92
CA LEU A 740 -20.03 -18.22 6.27
C LEU A 740 -19.22 -18.93 7.34
N VAL A 741 -18.28 -18.23 7.94
CA VAL A 741 -17.22 -18.87 8.70
C VAL A 741 -17.30 -18.55 10.19
N PRO A 742 -17.43 -19.59 11.05
CA PRO A 742 -17.47 -19.46 12.53
C PRO A 742 -16.22 -18.91 13.22
N GLN A 743 -15.06 -19.17 12.63
CA GLN A 743 -13.76 -18.66 13.12
C GLN A 743 -12.95 -18.33 11.87
N GLY A 744 -13.03 -17.07 11.45
CA GLY A 744 -12.34 -16.60 10.25
C GLY A 744 -10.91 -16.20 10.54
N TRP A 745 -10.26 -15.59 9.55
CA TRP A 745 -8.85 -15.16 9.68
C TRP A 745 -8.57 -14.29 10.91
N ASP A 746 -9.56 -13.54 11.38
CA ASP A 746 -9.41 -12.80 12.63
C ASP A 746 -9.74 -13.64 13.86
N GLY A 747 -10.03 -14.93 13.68
CA GLY A 747 -10.44 -15.78 14.80
C GLY A 747 -11.84 -15.57 15.33
N ASN A 748 -12.63 -14.71 14.68
CA ASN A 748 -14.06 -14.51 15.01
C ASN A 748 -14.93 -15.04 13.91
N THR A 749 -16.21 -15.17 14.22
CA THR A 749 -17.15 -15.49 13.18
C THR A 749 -17.10 -14.38 12.14
N MET A 750 -17.33 -14.72 10.87
CA MET A 750 -17.38 -13.72 9.79
C MET A 750 -17.90 -14.28 8.46
N LEU A 751 -18.73 -13.48 7.78
CA LEU A 751 -19.06 -13.71 6.37
C LEU A 751 -17.93 -13.23 5.42
N TRP A 752 -17.34 -14.15 4.69
CA TRP A 752 -16.14 -13.90 3.92
C TRP A 752 -16.32 -14.23 2.42
N SER A 753 -15.76 -13.36 1.57
CA SER A 753 -15.85 -13.50 0.12
C SER A 753 -14.49 -13.19 -0.51
N GLY A 754 -14.08 -13.99 -1.51
CA GLY A 754 -12.79 -13.81 -2.26
C GLY A 754 -12.86 -14.36 -3.68
N SER A 755 -11.78 -14.37 -4.45
CA SER A 755 -10.56 -13.61 -4.24
C SER A 755 -10.53 -12.32 -5.10
N SER A 756 -11.48 -12.19 -6.03
CA SER A 756 -11.64 -11.03 -6.92
C SER A 756 -13.01 -10.39 -6.79
N PRO A 757 -13.23 -9.57 -5.73
CA PRO A 757 -12.31 -9.10 -4.68
C PRO A 757 -12.49 -9.81 -3.36
N TRP A 758 -11.66 -9.46 -2.38
CA TRP A 758 -11.91 -9.90 -1.03
C TRP A 758 -12.92 -8.97 -0.42
N TYR A 759 -13.55 -9.42 0.64
CA TYR A 759 -14.50 -8.60 1.37
C TYR A 759 -14.63 -9.21 2.74
N ASP A 760 -14.39 -8.41 3.78
CA ASP A 760 -14.43 -8.91 5.16
C ASP A 760 -15.70 -8.52 5.91
N GLY A 761 -16.60 -9.48 6.06
CA GLY A 761 -17.80 -9.27 6.85
C GLY A 761 -17.50 -9.62 8.29
N ARG A 762 -16.95 -8.67 9.03
CA ARG A 762 -16.41 -8.95 10.34
C ARG A 762 -17.46 -8.72 11.43
N THR A 763 -17.74 -9.74 12.26
CA THR A 763 -18.76 -9.61 13.32
C THR A 763 -18.17 -9.08 14.59
N PHE A 764 -16.86 -9.29 14.75
CA PHE A 764 -16.14 -9.03 16.00
C PHE A 764 -16.84 -9.76 17.09
N TRP A 765 -17.16 -11.02 16.85
CA TRP A 765 -17.88 -11.80 17.84
C TRP A 765 -17.60 -13.27 17.64
N LYS A 766 -17.41 -13.93 18.78
CA LYS A 766 -16.85 -15.25 18.84
C LYS A 766 -17.96 -16.26 19.15
N ILE A 767 -18.03 -17.32 18.35
CA ILE A 767 -19.04 -18.36 18.52
C ILE A 767 -18.69 -19.31 19.69
N PRO A 768 -19.72 -19.75 20.46
CA PRO A 768 -19.51 -20.83 21.42
C PRO A 768 -19.63 -22.23 20.79
N THR A 769 -18.76 -23.15 21.23
CA THR A 769 -18.90 -24.55 20.87
C THR A 769 -19.97 -25.21 21.75
N GLY A 770 -20.36 -26.41 21.37
CA GLY A 770 -21.30 -27.26 22.12
C GLY A 770 -22.59 -26.58 22.52
N GLN A 771 -23.00 -25.60 21.73
CA GLN A 771 -24.17 -24.79 22.04
CA GLN A 771 -24.15 -24.77 22.04
C GLN A 771 -24.71 -24.34 20.70
N TRP A 772 -26.02 -24.17 20.62
CA TRP A 772 -26.64 -23.73 19.37
C TRP A 772 -26.43 -22.23 19.24
N THR A 773 -26.22 -21.79 17.99
CA THR A 773 -26.05 -20.38 17.66
C THR A 773 -26.74 -20.18 16.31
N HIS A 774 -27.76 -19.32 16.25
CA HIS A 774 -28.38 -19.01 14.98
C HIS A 774 -27.58 -18.01 14.20
N LEU A 775 -27.37 -18.28 12.92
CA LEU A 775 -26.71 -17.35 11.98
C LEU A 775 -27.58 -17.01 10.80
N ALA A 776 -27.37 -15.83 10.23
CA ALA A 776 -27.99 -15.48 8.94
C ALA A 776 -27.29 -14.30 8.23
N PHE A 777 -27.60 -14.11 6.95
CA PHE A 777 -27.16 -12.91 6.25
C PHE A 777 -28.01 -12.42 5.06
N SER A 778 -28.08 -11.09 4.91
CA SER A 778 -28.81 -10.48 3.83
C SER A 778 -27.85 -10.04 2.73
N VAL A 779 -28.29 -10.19 1.48
CA VAL A 779 -27.72 -9.46 0.37
C VAL A 779 -28.80 -8.86 -0.57
N ASP A 780 -28.86 -7.52 -0.57
CA ASP A 780 -29.72 -6.77 -1.48
C ASP A 780 -28.86 -5.88 -2.36
N ASN A 781 -28.84 -6.15 -3.67
CA ASN A 781 -27.99 -5.41 -4.65
C ASN A 781 -26.88 -4.51 -4.06
N GLY A 782 -25.78 -5.12 -3.66
CA GLY A 782 -24.66 -4.39 -3.07
C GLY A 782 -24.62 -4.43 -1.55
N ALA A 783 -25.79 -4.31 -0.91
CA ALA A 783 -25.91 -4.19 0.55
C ALA A 783 -25.89 -5.54 1.25
N VAL A 784 -25.05 -5.65 2.29
CA VAL A 784 -24.91 -6.89 3.05
C VAL A 784 -24.98 -6.67 4.54
N LYS A 785 -25.91 -7.34 5.19
CA LYS A 785 -25.95 -7.36 6.65
C LYS A 785 -25.77 -8.76 7.13
N VAL A 786 -25.39 -8.90 8.40
CA VAL A 786 -25.15 -10.21 9.00
C VAL A 786 -25.60 -10.22 10.42
N TYR A 787 -26.37 -11.24 10.77
CA TYR A 787 -26.98 -11.27 12.07
C TYR A 787 -26.52 -12.49 12.88
N ILE A 788 -26.49 -12.34 14.19
CA ILE A 788 -26.14 -13.44 15.08
C ILE A 788 -27.08 -13.45 16.26
N ASN A 789 -27.78 -14.59 16.38
CA ASN A 789 -28.73 -14.81 17.44
C ASN A 789 -29.80 -13.71 17.41
N GLY A 790 -30.18 -13.37 16.17
CA GLY A 790 -31.12 -12.29 15.89
C GLY A 790 -30.52 -10.93 15.68
N VAL A 791 -29.29 -10.70 16.14
CA VAL A 791 -28.74 -9.34 16.24
C VAL A 791 -27.82 -9.00 15.04
N GLU A 792 -28.05 -7.84 14.41
CA GLU A 792 -27.13 -7.30 13.37
C GLU A 792 -25.74 -7.08 13.94
N LYS A 793 -24.74 -7.77 13.39
CA LYS A 793 -23.38 -7.60 13.86
C LYS A 793 -22.47 -6.97 12.83
N PHE A 794 -22.89 -7.03 11.56
CA PHE A 794 -22.22 -6.35 10.48
C PHE A 794 -23.22 -5.74 9.51
N SER A 795 -22.98 -4.50 9.12
CA SER A 795 -23.60 -3.96 7.92
C SER A 795 -22.48 -3.32 7.15
N GLY A 796 -22.51 -3.54 5.85
CA GLY A 796 -21.47 -3.05 5.01
C GLY A 796 -21.98 -2.87 3.61
N THR A 797 -21.09 -2.45 2.71
CA THR A 797 -21.56 -2.02 1.43
C THR A 797 -20.60 -2.45 0.33
N ASN A 798 -21.05 -2.39 -0.93
CA ASN A 798 -20.26 -2.85 -2.09
C ASN A 798 -19.99 -4.37 -2.20
N PHE A 799 -20.82 -5.19 -1.56
CA PHE A 799 -20.61 -6.63 -1.52
C PHE A 799 -20.78 -7.26 -2.91
N PRO A 800 -19.83 -8.15 -3.29
CA PRO A 800 -19.77 -8.76 -4.63
C PRO A 800 -21.06 -9.47 -5.09
N ASP A 801 -21.35 -9.35 -6.38
CA ASP A 801 -22.44 -10.10 -6.97
C ASP A 801 -21.91 -11.40 -7.57
N VAL A 802 -22.05 -12.49 -6.81
CA VAL A 802 -21.37 -13.75 -7.11
C VAL A 802 -22.33 -14.83 -7.63
N PHE A 803 -23.63 -14.58 -7.66
CA PHE A 803 -24.51 -15.70 -7.97
C PHE A 803 -25.38 -15.51 -9.18
N THR A 804 -25.15 -14.44 -9.93
CA THR A 804 -26.00 -14.14 -11.10
C THR A 804 -25.36 -14.63 -12.40
N GLY A 805 -24.42 -13.86 -12.98
CA GLY A 805 -23.86 -14.08 -14.36
C GLY A 805 -23.05 -15.34 -14.70
N ALA A 806 -23.53 -16.49 -14.18
CA ALA A 806 -23.17 -17.88 -14.59
C ALA A 806 -24.05 -18.93 -13.80
N ASN A 807 -23.42 -19.96 -13.21
CA ASN A 807 -24.16 -20.86 -12.30
C ASN A 807 -23.27 -21.52 -11.25
N ALA A 808 -23.65 -21.34 -9.99
CA ALA A 808 -22.73 -21.53 -8.89
C ALA A 808 -22.95 -22.85 -8.12
N SER A 809 -21.86 -23.38 -7.59
CA SER A 809 -21.92 -24.54 -6.74
C SER A 809 -22.22 -24.07 -5.34
N PHE A 810 -22.83 -24.94 -4.54
CA PHE A 810 -23.19 -24.62 -3.15
C PHE A 810 -22.99 -25.82 -2.27
N ALA A 811 -22.63 -25.60 -1.00
CA ALA A 811 -22.32 -26.70 -0.13
C ALA A 811 -22.42 -26.34 1.36
N LEU A 812 -22.14 -27.31 2.22
CA LEU A 812 -22.30 -27.17 3.64
C LEU A 812 -21.22 -27.88 4.43
N GLY A 813 -20.31 -27.12 5.03
CA GLY A 813 -19.30 -27.72 5.90
C GLY A 813 -17.97 -28.00 5.21
N VAL A 814 -18.04 -28.16 3.88
CA VAL A 814 -16.84 -28.34 3.04
C VAL A 814 -16.67 -27.22 2.02
N ASN A 815 -15.43 -27.05 1.59
CA ASN A 815 -15.10 -26.08 0.54
C ASN A 815 -14.07 -26.69 -0.40
N TRP A 816 -13.04 -25.94 -0.77
CA TRP A 816 -11.95 -26.48 -1.57
C TRP A 816 -10.66 -26.69 -0.77
N TRP A 817 -10.55 -26.08 0.43
CA TRP A 817 -9.22 -25.87 1.03
C TRP A 817 -9.04 -26.26 2.47
N ASP A 818 -10.04 -26.01 3.32
CA ASP A 818 -9.89 -26.13 4.79
C ASP A 818 -10.68 -27.27 5.43
N PRO A 819 -10.32 -27.63 6.69
CA PRO A 819 -10.98 -28.78 7.30
C PRO A 819 -12.49 -28.72 7.13
N PRO A 820 -13.15 -29.88 6.95
CA PRO A 820 -14.60 -29.83 7.02
C PRO A 820 -15.06 -29.38 8.39
N PHE A 821 -16.33 -29.04 8.45
CA PHE A 821 -17.00 -28.63 9.68
C PHE A 821 -17.31 -29.83 10.61
N LYS A 822 -17.04 -29.67 11.92
CA LYS A 822 -17.38 -30.70 12.92
C LYS A 822 -18.66 -30.33 13.65
N GLY A 823 -19.67 -31.17 13.58
CA GLY A 823 -20.88 -30.91 14.37
C GLY A 823 -22.16 -30.88 13.57
N LEU A 824 -23.20 -30.27 14.16
CA LEU A 824 -24.55 -30.32 13.60
C LEU A 824 -24.90 -28.98 12.97
N ILE A 825 -25.49 -29.03 11.79
CA ILE A 825 -26.06 -27.87 11.11
C ILE A 825 -27.59 -28.09 10.99
N ASP A 826 -28.40 -27.08 11.33
CA ASP A 826 -29.87 -27.25 11.28
C ASP A 826 -30.64 -26.15 10.54
N GLU A 827 -31.82 -26.50 10.05
CA GLU A 827 -32.76 -25.56 9.44
C GLU A 827 -32.11 -24.59 8.54
N LEU A 828 -31.53 -25.11 7.45
CA LEU A 828 -30.90 -24.24 6.46
C LEU A 828 -31.95 -23.61 5.58
N ARG A 829 -32.35 -22.37 5.87
CA ARG A 829 -33.41 -21.73 5.11
C ARG A 829 -32.76 -20.78 4.12
N ILE A 830 -33.28 -20.72 2.90
CA ILE A 830 -32.74 -19.88 1.83
C ILE A 830 -33.87 -19.04 1.27
N TYR A 831 -33.58 -17.76 1.01
CA TYR A 831 -34.61 -16.79 0.63
C TYR A 831 -34.26 -15.97 -0.62
N GLU A 832 -35.28 -15.65 -1.42
CA GLU A 832 -35.15 -14.59 -2.43
C GLU A 832 -35.68 -13.27 -1.89
N GLY A 833 -34.77 -12.40 -1.47
CA GLY A 833 -35.12 -11.14 -0.86
C GLY A 833 -34.15 -10.94 0.27
N ALA A 834 -33.98 -9.70 0.69
CA ALA A 834 -33.23 -9.40 1.90
C ALA A 834 -34.20 -9.45 3.05
N LEU A 835 -33.93 -10.37 3.98
CA LEU A 835 -34.74 -10.53 5.18
C LEU A 835 -34.87 -9.25 6.00
N THR A 836 -36.05 -8.99 6.54
CA THR A 836 -36.31 -7.83 7.37
C THR A 836 -35.75 -8.08 8.75
N PRO A 837 -35.35 -7.01 9.44
CA PRO A 837 -34.79 -7.25 10.78
C PRO A 837 -35.74 -8.04 11.70
N SER A 838 -37.03 -7.74 11.59
CA SER A 838 -38.05 -8.45 12.35
C SER A 838 -38.16 -9.92 11.94
N GLN A 839 -38.04 -10.20 10.65
CA GLN A 839 -38.05 -11.59 10.12
C GLN A 839 -36.94 -12.46 10.72
N VAL A 840 -35.84 -11.80 11.04
CA VAL A 840 -34.66 -12.48 11.53
C VAL A 840 -34.84 -12.72 13.03
N THR A 841 -35.45 -11.78 13.75
CA THR A 841 -35.73 -12.03 15.16
C THR A 841 -36.80 -13.11 15.32
N ASP A 842 -37.71 -13.27 14.35
CA ASP A 842 -38.61 -14.45 14.29
C ASP A 842 -37.83 -15.77 14.14
N LEU A 843 -36.75 -15.70 13.37
CA LEU A 843 -35.96 -16.86 13.08
C LEU A 843 -35.11 -17.29 14.25
N ALA A 844 -34.52 -16.31 14.95
CA ALA A 844 -33.77 -16.60 16.19
C ALA A 844 -34.71 -17.11 17.26
N GLN A 845 -35.99 -16.74 17.22
CA GLN A 845 -37.09 -17.42 17.97
C GLN A 845 -37.57 -18.75 17.34
N THR A 846 -38.23 -19.58 18.14
CA THR A 846 -38.75 -20.87 17.68
C THR A 846 -40.28 -20.90 17.79
#